data_3CQ9
#
_entry.id   3CQ9
#
_cell.length_a   50.784
_cell.length_b   194.031
_cell.length_c   52.093
_cell.angle_alpha   90.00
_cell.angle_beta   115.34
_cell.angle_gamma   90.00
#
_symmetry.space_group_name_H-M   'P 1 21 1'
#
loop_
_entity.id
_entity.type
_entity.pdbx_description
1 polymer 'Uncharacterized protein lp_1622'
2 non-polymer 'SULFATE ION'
3 water water
#
_entity_poly.entity_id   1
_entity_poly.type   'polypeptide(L)'
_entity_poly.pdbx_seq_one_letter_code
;(MSE)ATIVNLLVGGPTANYPADLTTIPGPWVGADRGALRLVKRGIQPV(MSE)VVGDFDSIDAAELQTVKDALVGAIVV
KPDQDHTDTQLAIKSIFEQLQPDEVHLYGATGGRLDHLLAN(MSE)WLVLDPVFRQWAPQIKLIDKQNSVRFFLPGDYQI
TKEADKRYLAFVPL(MSE)P(MSE)HLTLPDEKYQLDAAYNAYPISWASNEFSGNTGHFSFDAGVLAVIQSRDDS(MSE)
ADALEHHHHHH
;
_entity_poly.pdbx_strand_id   A,B,C,D
#
loop_
_chem_comp.id
_chem_comp.type
_chem_comp.name
_chem_comp.formula
SO4 non-polymer 'SULFATE ION' 'O4 S -2'
#
# COMPACT_ATOMS: atom_id res chain seq x y z
N THR A 3 -1.89 -5.32 -2.38
CA THR A 3 -0.54 -4.67 -2.44
C THR A 3 0.44 -5.43 -1.57
N ILE A 4 1.71 -5.36 -1.95
CA ILE A 4 2.77 -6.06 -1.23
C ILE A 4 3.91 -5.11 -0.89
N VAL A 5 4.34 -5.13 0.37
CA VAL A 5 5.47 -4.31 0.78
C VAL A 5 6.63 -5.26 1.05
N ASN A 6 7.79 -4.93 0.49
CA ASN A 6 8.97 -5.76 0.69
C ASN A 6 9.84 -5.16 1.79
N LEU A 7 10.24 -6.00 2.74
CA LEU A 7 11.08 -5.58 3.84
C LEU A 7 12.41 -6.33 3.79
N LEU A 8 13.50 -5.56 3.78
CA LEU A 8 14.84 -6.11 3.74
C LEU A 8 15.56 -5.94 5.07
N VAL A 9 15.96 -7.04 5.70
CA VAL A 9 16.68 -6.95 6.97
C VAL A 9 18.16 -7.22 6.69
N GLY A 10 18.98 -7.35 7.72
CA GLY A 10 20.41 -7.51 7.52
C GLY A 10 21.13 -8.82 7.25
N GLY A 11 20.43 -9.86 6.79
CA GLY A 11 21.12 -11.12 6.53
C GLY A 11 22.04 -11.09 5.31
N PRO A 12 22.91 -12.11 5.12
CA PRO A 12 23.82 -12.15 3.97
C PRO A 12 23.12 -12.05 2.60
N THR A 13 23.73 -11.31 1.69
CA THR A 13 23.19 -11.11 0.36
C THR A 13 23.20 -12.40 -0.45
N ALA A 14 24.12 -13.30 -0.12
CA ALA A 14 24.21 -14.56 -0.84
C ALA A 14 22.90 -15.34 -0.78
N ASN A 15 22.02 -15.00 0.16
CA ASN A 15 20.74 -15.70 0.29
C ASN A 15 19.57 -15.05 -0.44
N TYR A 16 19.79 -13.90 -1.07
CA TYR A 16 18.70 -13.26 -1.78
C TYR A 16 18.26 -14.18 -2.92
N PRO A 17 16.94 -14.28 -3.16
CA PRO A 17 16.43 -15.15 -4.23
C PRO A 17 16.72 -14.62 -5.64
N ALA A 18 16.98 -13.31 -5.75
CA ALA A 18 17.27 -12.71 -7.04
C ALA A 18 17.67 -11.25 -6.86
N ASP A 19 18.03 -10.62 -7.98
CA ASP A 19 18.42 -9.21 -7.99
C ASP A 19 17.23 -8.45 -7.39
N LEU A 20 17.46 -7.76 -6.27
CA LEU A 20 16.38 -7.04 -5.60
C LEU A 20 15.64 -6.02 -6.46
N THR A 21 16.34 -5.42 -7.41
CA THR A 21 15.72 -4.46 -8.30
C THR A 21 14.71 -5.18 -9.18
N THR A 22 14.79 -6.51 -9.17
CA THR A 22 13.89 -7.34 -9.96
C THR A 22 12.58 -7.63 -9.24
N ILE A 23 12.61 -7.51 -7.91
CA ILE A 23 11.42 -7.78 -7.10
C ILE A 23 10.51 -6.55 -7.00
N PRO A 24 9.32 -6.63 -7.62
CA PRO A 24 8.34 -5.53 -7.62
C PRO A 24 7.67 -5.31 -6.27
N GLY A 25 7.27 -4.06 -6.04
CA GLY A 25 6.62 -3.69 -4.80
C GLY A 25 7.43 -2.70 -3.99
N PRO A 26 6.78 -1.86 -3.17
CA PRO A 26 7.51 -0.88 -2.37
C PRO A 26 8.52 -1.57 -1.46
N TRP A 27 9.70 -0.98 -1.32
CA TRP A 27 10.73 -1.57 -0.47
C TRP A 27 10.93 -0.79 0.82
N VAL A 28 11.19 -1.54 1.88
CA VAL A 28 11.46 -0.98 3.19
C VAL A 28 12.71 -1.68 3.68
N GLY A 29 13.57 -0.93 4.36
CA GLY A 29 14.79 -1.50 4.87
C GLY A 29 15.02 -1.19 6.33
N ALA A 30 15.47 -2.19 7.08
CA ALA A 30 15.75 -2.03 8.50
C ALA A 30 17.24 -2.22 8.74
N ASP A 31 17.84 -1.26 9.45
CA ASP A 31 19.26 -1.32 9.76
C ASP A 31 20.08 -1.48 8.47
N ARG A 32 20.93 -2.51 8.40
CA ARG A 32 21.76 -2.74 7.23
C ARG A 32 20.95 -2.85 5.96
N GLY A 33 19.71 -3.33 6.08
CA GLY A 33 18.85 -3.49 4.93
C GLY A 33 18.66 -2.21 4.16
N ALA A 34 18.50 -1.10 4.88
CA ALA A 34 18.30 0.20 4.24
C ALA A 34 19.52 0.60 3.43
N LEU A 35 20.71 0.42 4.02
CA LEU A 35 21.95 0.78 3.34
C LEU A 35 22.13 -0.05 2.07
N ARG A 36 21.76 -1.32 2.13
CA ARG A 36 21.89 -2.19 0.97
C ARG A 36 20.85 -1.86 -0.12
N LEU A 37 19.68 -1.38 0.29
CA LEU A 37 18.67 -0.99 -0.69
C LEU A 37 19.20 0.24 -1.42
N VAL A 38 19.72 1.19 -0.65
CA VAL A 38 20.27 2.41 -1.24
C VAL A 38 21.44 2.07 -2.15
N LYS A 39 22.39 1.29 -1.64
CA LYS A 39 23.55 0.90 -2.43
C LYS A 39 23.13 0.24 -3.76
N ARG A 40 21.91 -0.26 -3.83
CA ARG A 40 21.42 -0.87 -5.07
C ARG A 40 20.60 0.11 -5.89
N GLY A 41 20.56 1.36 -5.43
CA GLY A 41 19.83 2.38 -6.15
C GLY A 41 18.33 2.29 -5.96
N ILE A 42 17.90 1.56 -4.94
CA ILE A 42 16.48 1.41 -4.65
C ILE A 42 16.06 2.46 -3.63
N GLN A 43 15.00 3.20 -3.95
CA GLN A 43 14.49 4.21 -3.04
C GLN A 43 13.46 3.56 -2.12
N PRO A 44 13.78 3.47 -0.82
CA PRO A 44 12.85 2.85 0.15
C PRO A 44 11.72 3.80 0.47
N VAL A 45 10.54 3.27 0.76
CA VAL A 45 9.40 4.11 1.11
C VAL A 45 9.47 4.33 2.61
N MSE A 46 10.36 3.60 3.27
CA MSE A 46 10.52 3.69 4.72
C MSE A 46 11.82 3.03 5.18
O MSE A 46 12.17 1.94 4.74
CB MSE A 46 9.35 3.02 5.43
CG MSE A 46 9.60 2.74 6.92
SE MSE A 46 8.19 1.75 7.80
CE MSE A 46 8.78 -0.03 7.52
N VAL A 47 12.53 3.69 6.08
CA VAL A 47 13.77 3.14 6.63
C VAL A 47 13.60 3.10 8.14
N VAL A 48 14.05 2.00 8.76
CA VAL A 48 13.93 1.84 10.20
C VAL A 48 15.31 1.62 10.82
N GLY A 49 15.64 2.44 11.81
CA GLY A 49 16.93 2.34 12.47
C GLY A 49 17.55 3.70 12.70
N ASP A 50 18.82 3.70 13.09
CA ASP A 50 19.56 4.94 13.34
C ASP A 50 20.73 4.94 12.37
N PHE A 51 20.65 5.81 11.37
CA PHE A 51 21.67 5.90 10.35
C PHE A 51 22.52 7.16 10.50
N THR A 61 24.50 9.96 1.00
CA THR A 61 23.65 9.10 0.18
C THR A 61 22.50 8.56 1.01
N VAL A 62 22.74 8.38 2.30
CA VAL A 62 21.70 7.88 3.20
C VAL A 62 20.74 9.04 3.43
N LYS A 63 21.29 10.13 3.96
CA LYS A 63 20.48 11.32 4.22
C LYS A 63 19.75 11.69 2.94
N ASP A 64 20.43 11.49 1.82
CA ASP A 64 19.89 11.78 0.50
C ASP A 64 18.69 10.88 0.17
N ALA A 65 18.84 9.59 0.43
CA ALA A 65 17.78 8.63 0.16
C ALA A 65 16.68 8.71 1.20
N LEU A 66 16.99 9.29 2.36
CA LEU A 66 16.01 9.41 3.43
C LEU A 66 15.00 10.52 3.27
N VAL A 67 15.23 11.44 2.34
CA VAL A 67 14.28 12.53 2.13
C VAL A 67 13.01 11.93 1.54
N GLY A 68 13.20 11.01 0.61
CA GLY A 68 12.06 10.37 -0.02
C GLY A 68 11.60 9.14 0.72
N ALA A 69 11.87 9.09 2.03
CA ALA A 69 11.44 7.94 2.81
C ALA A 69 10.94 8.29 4.19
N ILE A 70 10.04 7.45 4.70
CA ILE A 70 9.50 7.61 6.03
C ILE A 70 10.60 7.08 6.93
N VAL A 71 11.15 7.94 7.79
CA VAL A 71 12.22 7.50 8.68
C VAL A 71 11.66 7.16 10.06
N VAL A 72 11.91 5.94 10.50
CA VAL A 72 11.46 5.48 11.81
C VAL A 72 12.67 5.17 12.67
N LYS A 73 12.83 5.91 13.76
CA LYS A 73 13.95 5.72 14.67
C LYS A 73 13.66 4.56 15.61
N PRO A 74 14.72 3.93 16.16
CA PRO A 74 14.52 2.80 17.07
C PRO A 74 13.78 3.29 18.31
N ASP A 75 13.01 2.40 18.94
CA ASP A 75 12.31 2.79 20.15
C ASP A 75 12.85 1.96 21.31
N GLN A 76 12.10 1.89 22.41
CA GLN A 76 12.56 1.14 23.57
C GLN A 76 12.12 -0.33 23.64
N ASP A 77 10.87 -0.61 23.31
CA ASP A 77 10.34 -1.97 23.39
C ASP A 77 10.53 -2.90 22.19
N HIS A 78 10.84 -2.38 21.02
CA HIS A 78 10.98 -3.27 19.86
C HIS A 78 12.35 -3.39 19.21
N THR A 79 12.58 -4.54 18.60
CA THR A 79 13.80 -4.75 17.84
C THR A 79 13.46 -3.93 16.60
N ASP A 80 14.47 -3.52 15.83
CA ASP A 80 14.17 -2.73 14.64
C ASP A 80 13.36 -3.51 13.62
N THR A 81 13.55 -4.82 13.58
CA THR A 81 12.80 -5.65 12.65
C THR A 81 11.34 -5.69 13.08
N GLN A 82 11.09 -5.87 14.38
CA GLN A 82 9.72 -5.88 14.88
C GLN A 82 9.10 -4.51 14.60
N LEU A 83 9.87 -3.46 14.84
CA LEU A 83 9.37 -2.09 14.64
C LEU A 83 9.02 -1.86 13.17
N ALA A 84 9.86 -2.35 12.27
CA ALA A 84 9.62 -2.19 10.85
C ALA A 84 8.30 -2.87 10.45
N ILE A 85 8.11 -4.09 10.94
CA ILE A 85 6.89 -4.85 10.66
C ILE A 85 5.66 -4.11 11.19
N LYS A 86 5.73 -3.70 12.46
CA LYS A 86 4.64 -2.99 13.08
C LYS A 86 4.35 -1.68 12.33
N SER A 87 5.41 -0.96 11.97
CA SER A 87 5.28 0.30 11.25
C SER A 87 4.68 0.14 9.85
N ILE A 88 5.10 -0.91 9.15
CA ILE A 88 4.59 -1.18 7.81
C ILE A 88 3.08 -1.39 7.81
N PHE A 89 2.62 -2.33 8.64
CA PHE A 89 1.19 -2.62 8.72
C PHE A 89 0.34 -1.46 9.23
N GLU A 90 0.85 -0.72 10.22
CA GLU A 90 0.09 0.40 10.77
C GLU A 90 0.11 1.65 9.87
N GLN A 91 1.23 1.93 9.23
CA GLN A 91 1.32 3.13 8.39
C GLN A 91 1.08 2.92 6.89
N LEU A 92 1.71 1.91 6.30
CA LEU A 92 1.55 1.64 4.87
C LEU A 92 0.35 0.73 4.58
N GLN A 93 -0.01 -0.07 5.57
CA GLN A 93 -1.15 -0.98 5.52
C GLN A 93 -1.33 -1.82 4.24
N PRO A 94 -0.32 -2.62 3.88
CA PRO A 94 -0.39 -3.46 2.67
C PRO A 94 -1.16 -4.74 2.99
N ASP A 95 -1.42 -5.55 1.97
CA ASP A 95 -2.12 -6.81 2.22
C ASP A 95 -1.11 -7.86 2.70
N GLU A 96 0.13 -7.71 2.25
CA GLU A 96 1.18 -8.64 2.63
C GLU A 96 2.53 -7.97 2.74
N VAL A 97 3.41 -8.62 3.50
CA VAL A 97 4.77 -8.14 3.69
C VAL A 97 5.66 -9.35 3.40
N HIS A 98 6.59 -9.18 2.46
CA HIS A 98 7.52 -10.23 2.13
C HIS A 98 8.86 -9.86 2.75
N LEU A 99 9.35 -10.72 3.63
CA LEU A 99 10.61 -10.49 4.34
C LEU A 99 11.80 -11.11 3.64
N TYR A 100 12.73 -10.26 3.20
CA TYR A 100 13.93 -10.72 2.53
C TYR A 100 15.14 -10.43 3.43
N GLY A 101 16.24 -11.14 3.20
CA GLY A 101 17.43 -10.95 4.01
C GLY A 101 17.26 -11.45 5.44
N ALA A 102 16.24 -12.26 5.67
CA ALA A 102 15.95 -12.77 7.01
C ALA A 102 16.59 -14.11 7.35
N THR A 103 17.32 -14.70 6.41
CA THR A 103 17.96 -15.99 6.67
C THR A 103 19.48 -15.96 6.53
N GLY A 104 20.13 -17.05 6.94
CA GLY A 104 21.58 -17.12 6.85
C GLY A 104 22.26 -16.31 7.94
N GLY A 105 23.59 -16.31 7.93
CA GLY A 105 24.35 -15.56 8.89
C GLY A 105 24.11 -15.89 10.36
N ARG A 106 23.99 -14.84 11.18
CA ARG A 106 23.75 -14.98 12.60
C ARG A 106 22.44 -15.71 12.85
N LEU A 107 22.52 -16.80 13.60
CA LEU A 107 21.35 -17.62 13.90
C LEU A 107 20.36 -16.98 14.83
N ASP A 108 20.82 -16.12 15.73
CA ASP A 108 19.88 -15.49 16.65
C ASP A 108 18.94 -14.58 15.89
N HIS A 109 19.44 -13.90 14.85
CA HIS A 109 18.60 -13.04 14.03
C HIS A 109 17.64 -13.93 13.24
N LEU A 110 18.16 -15.02 12.69
CA LEU A 110 17.33 -15.92 11.90
C LEU A 110 16.14 -16.43 12.70
N LEU A 111 16.41 -16.96 13.90
CA LEU A 111 15.32 -17.48 14.73
C LEU A 111 14.35 -16.40 15.17
N ALA A 112 14.85 -15.20 15.44
CA ALA A 112 13.99 -14.11 15.86
C ALA A 112 13.02 -13.79 14.72
N ASN A 113 13.51 -13.89 13.49
CA ASN A 113 12.70 -13.62 12.30
C ASN A 113 11.64 -14.68 12.10
N MSE A 114 12.01 -15.93 12.37
CA MSE A 114 11.08 -17.03 12.21
C MSE A 114 10.01 -17.09 13.29
O MSE A 114 8.89 -17.52 13.04
CB MSE A 114 11.83 -18.35 12.22
CG MSE A 114 11.02 -19.49 11.66
SE MSE A 114 11.56 -19.77 9.84
CE MSE A 114 13.42 -20.24 10.31
N TRP A 115 10.36 -16.67 14.50
CA TRP A 115 9.40 -16.73 15.60
C TRP A 115 8.81 -15.37 15.94
N LEU A 116 9.08 -14.38 15.09
CA LEU A 116 8.58 -13.03 15.32
C LEU A 116 7.06 -12.94 15.51
N VAL A 117 6.30 -13.67 14.69
CA VAL A 117 4.85 -13.63 14.79
C VAL A 117 4.23 -14.35 15.99
N LEU A 118 5.05 -14.95 16.84
CA LEU A 118 4.52 -15.64 18.01
C LEU A 118 4.04 -14.62 19.05
N ASP A 119 4.70 -13.46 19.10
CA ASP A 119 4.31 -12.42 20.06
C ASP A 119 2.88 -12.00 19.75
N PRO A 120 1.97 -12.15 20.72
CA PRO A 120 0.56 -11.80 20.59
C PRO A 120 0.24 -10.52 19.83
N VAL A 121 1.13 -9.54 19.90
CA VAL A 121 0.94 -8.27 19.20
C VAL A 121 1.21 -8.36 17.70
N PHE A 122 2.05 -9.31 17.30
CA PHE A 122 2.37 -9.48 15.90
C PHE A 122 1.68 -10.68 15.28
N ARG A 123 1.09 -11.53 16.13
CA ARG A 123 0.44 -12.73 15.65
C ARG A 123 -0.75 -12.45 14.74
N GLN A 124 -1.43 -11.34 14.97
CA GLN A 124 -2.58 -10.97 14.16
C GLN A 124 -2.18 -10.87 12.70
N TRP A 125 -0.90 -10.55 12.45
CA TRP A 125 -0.39 -10.42 11.09
C TRP A 125 0.29 -11.68 10.53
N ALA A 126 0.35 -12.73 11.35
CA ALA A 126 0.99 -13.97 10.90
C ALA A 126 0.59 -14.40 9.48
N PRO A 127 -0.71 -14.41 9.19
CA PRO A 127 -1.22 -14.81 7.86
C PRO A 127 -0.74 -13.92 6.73
N GLN A 128 -0.34 -12.69 7.06
CA GLN A 128 0.10 -11.72 6.07
C GLN A 128 1.61 -11.53 5.96
N ILE A 129 2.38 -12.41 6.58
CA ILE A 129 3.84 -12.30 6.54
C ILE A 129 4.48 -13.55 5.96
N LYS A 130 5.43 -13.35 5.06
CA LYS A 130 6.13 -14.46 4.42
C LYS A 130 7.63 -14.21 4.33
N LEU A 131 8.43 -15.20 4.69
CA LEU A 131 9.89 -15.08 4.61
C LEU A 131 10.29 -15.74 3.30
N ILE A 132 11.21 -15.11 2.59
CA ILE A 132 11.66 -15.63 1.31
C ILE A 132 13.16 -15.49 1.10
N ASP A 133 13.80 -16.57 0.66
CA ASP A 133 15.22 -16.56 0.35
C ASP A 133 15.41 -17.50 -0.84
N LYS A 134 16.61 -17.67 -1.35
CA LYS A 134 16.76 -18.50 -2.55
C LYS A 134 16.31 -19.96 -2.48
N GLN A 135 16.34 -20.58 -1.31
CA GLN A 135 15.92 -21.98 -1.22
C GLN A 135 14.62 -22.20 -0.45
N ASN A 136 14.10 -21.16 0.21
CA ASN A 136 12.89 -21.31 1.00
C ASN A 136 11.83 -20.21 0.87
N SER A 137 10.61 -20.61 1.21
CA SER A 137 9.45 -19.72 1.24
C SER A 137 8.82 -20.15 2.56
N VAL A 138 8.51 -19.18 3.42
CA VAL A 138 7.93 -19.51 4.72
C VAL A 138 6.66 -18.72 4.99
N ARG A 139 5.57 -19.44 5.26
CA ARG A 139 4.29 -18.81 5.55
C ARG A 139 3.85 -19.23 6.94
N PHE A 140 2.99 -18.43 7.57
CA PHE A 140 2.51 -18.73 8.92
C PHE A 140 0.99 -18.77 8.93
N PHE A 141 0.44 -19.68 9.73
CA PHE A 141 -1.00 -19.83 9.81
C PHE A 141 -1.55 -19.83 11.24
N LEU A 142 -2.78 -19.37 11.36
CA LEU A 142 -3.49 -19.35 12.63
C LEU A 142 -4.43 -20.55 12.57
N PRO A 143 -4.84 -21.08 13.72
CA PRO A 143 -5.74 -22.24 13.73
C PRO A 143 -6.86 -22.19 12.70
N GLY A 144 -7.07 -23.31 12.00
CA GLY A 144 -8.11 -23.38 11.00
C GLY A 144 -7.85 -24.50 10.01
N ASP A 145 -8.55 -24.48 8.89
CA ASP A 145 -8.41 -25.50 7.85
C ASP A 145 -7.90 -24.76 6.63
N TYR A 146 -6.90 -25.32 5.96
CA TYR A 146 -6.34 -24.64 4.80
C TYR A 146 -5.95 -25.53 3.63
N GLN A 147 -5.78 -24.87 2.48
CA GLN A 147 -5.37 -25.54 1.25
C GLN A 147 -4.25 -24.72 0.65
N ILE A 148 -3.12 -25.35 0.37
CA ILE A 148 -2.02 -24.65 -0.22
C ILE A 148 -1.61 -25.31 -1.53
N THR A 149 -0.94 -24.55 -2.39
CA THR A 149 -0.52 -25.05 -3.68
C THR A 149 0.99 -25.14 -3.74
N LYS A 150 1.48 -26.18 -4.41
CA LYS A 150 2.91 -26.39 -4.54
C LYS A 150 3.58 -25.28 -5.37
N GLU A 151 4.76 -24.87 -4.94
CA GLU A 151 5.52 -23.86 -5.66
C GLU A 151 6.34 -24.63 -6.68
N ALA A 152 6.12 -24.32 -7.95
CA ALA A 152 6.79 -25.01 -9.06
C ALA A 152 8.28 -25.28 -8.87
N ASP A 153 9.01 -24.32 -8.31
CA ASP A 153 10.45 -24.48 -8.13
C ASP A 153 10.85 -25.19 -6.84
N LYS A 154 9.88 -25.57 -6.02
CA LYS A 154 10.18 -26.24 -4.76
C LYS A 154 9.89 -27.74 -4.85
N ARG A 155 10.73 -28.53 -4.18
CA ARG A 155 10.58 -29.99 -4.15
C ARG A 155 10.05 -30.49 -2.81
N TYR A 156 10.48 -29.84 -1.74
CA TYR A 156 10.09 -30.25 -0.40
C TYR A 156 9.01 -29.39 0.26
N LEU A 157 8.26 -30.03 1.15
CA LEU A 157 7.19 -29.38 1.89
C LEU A 157 7.42 -29.76 3.35
N ALA A 158 7.25 -28.79 4.24
CA ALA A 158 7.44 -29.05 5.65
C ALA A 158 6.43 -28.31 6.51
N PHE A 159 5.92 -29.00 7.52
CA PHE A 159 4.97 -28.41 8.45
C PHE A 159 5.77 -28.25 9.74
N VAL A 160 5.73 -27.05 10.30
CA VAL A 160 6.51 -26.73 11.50
C VAL A 160 5.69 -26.08 12.61
N PRO A 161 5.19 -26.89 13.55
CA PRO A 161 4.40 -26.36 14.67
C PRO A 161 5.32 -25.55 15.58
N LEU A 162 5.06 -24.25 15.71
CA LEU A 162 5.89 -23.41 16.56
C LEU A 162 5.43 -23.47 18.01
N MSE A 163 4.23 -24.03 18.21
CA MSE A 163 3.63 -24.17 19.53
C MSE A 163 2.81 -25.45 19.54
O MSE A 163 2.49 -26.00 18.49
CB MSE A 163 2.72 -22.97 19.83
CG MSE A 163 3.43 -21.62 19.91
SE MSE A 163 2.19 -20.12 20.14
CE MSE A 163 1.45 -20.59 21.85
N PRO A 164 2.46 -25.96 20.74
CA PRO A 164 1.67 -27.19 20.82
C PRO A 164 0.34 -27.08 20.04
N MSE A 165 -0.05 -28.18 19.40
CA MSE A 165 -1.29 -28.22 18.62
C MSE A 165 -1.53 -29.65 18.14
O MSE A 165 -0.66 -30.52 18.24
CB MSE A 165 -1.17 -27.35 17.36
CG MSE A 165 -0.15 -27.91 16.35
SE MSE A 165 0.10 -26.99 14.67
CE MSE A 165 0.64 -25.26 15.40
N HIS A 166 -2.73 -29.88 17.61
CA HIS A 166 -3.09 -31.16 17.02
C HIS A 166 -3.04 -30.85 15.52
N LEU A 167 -2.14 -31.50 14.81
CA LEU A 167 -1.99 -31.26 13.38
C LEU A 167 -2.45 -32.43 12.52
N THR A 168 -3.20 -32.11 11.46
CA THR A 168 -3.70 -33.12 10.54
C THR A 168 -3.26 -32.79 9.12
N LEU A 169 -2.60 -33.76 8.50
CA LEU A 169 -2.11 -33.65 7.12
C LEU A 169 -2.74 -34.88 6.45
N PRO A 170 -3.93 -34.70 5.84
CA PRO A 170 -4.67 -35.76 5.17
C PRO A 170 -4.27 -36.18 3.76
N ASP A 171 -3.62 -35.29 3.01
CA ASP A 171 -3.27 -35.64 1.63
C ASP A 171 -1.85 -35.37 1.15
N GLU A 172 -0.86 -35.46 2.03
CA GLU A 172 0.52 -35.24 1.63
C GLU A 172 1.22 -36.59 1.56
N LYS A 173 2.45 -36.60 1.04
CA LYS A 173 3.20 -37.85 0.91
C LYS A 173 3.22 -38.59 2.26
N TYR A 174 3.43 -37.83 3.33
CA TYR A 174 3.45 -38.37 4.68
C TYR A 174 2.30 -37.67 5.39
N GLN A 175 1.51 -38.43 6.14
CA GLN A 175 0.36 -37.84 6.80
C GLN A 175 0.39 -37.85 8.32
N LEU A 176 -0.56 -37.13 8.91
CA LEU A 176 -0.70 -37.04 10.35
C LEU A 176 -2.18 -36.94 10.70
N ASP A 177 -2.57 -37.67 11.75
CA ASP A 177 -3.96 -37.69 12.18
C ASP A 177 -4.09 -37.00 13.53
N ALA A 178 -4.41 -35.71 13.52
CA ALA A 178 -4.57 -34.95 14.76
C ALA A 178 -3.40 -35.21 15.71
N ALA A 179 -2.19 -35.26 15.15
CA ALA A 179 -0.98 -35.50 15.93
C ALA A 179 -0.64 -34.32 16.83
N TYR A 180 -0.38 -34.62 18.11
CA TYR A 180 -0.03 -33.59 19.08
C TYR A 180 1.47 -33.44 19.26
N ASN A 181 1.94 -32.20 19.37
CA ASN A 181 3.35 -31.93 19.60
C ASN A 181 3.40 -31.13 20.91
N ALA A 182 4.15 -31.62 21.88
CA ALA A 182 4.25 -30.95 23.19
C ALA A 182 5.30 -29.84 23.19
N TYR A 183 5.96 -29.65 22.06
CA TYR A 183 6.99 -28.62 21.95
C TYR A 183 7.27 -28.41 20.47
N PRO A 184 8.03 -27.35 20.13
CA PRO A 184 8.35 -27.06 18.72
C PRO A 184 8.96 -28.26 18.02
N ILE A 185 8.49 -28.54 16.81
CA ILE A 185 9.01 -29.64 16.02
C ILE A 185 8.93 -29.31 14.54
N SER A 186 9.94 -29.79 13.81
CA SER A 186 9.98 -29.56 12.37
C SER A 186 9.82 -30.85 11.60
N TRP A 187 8.65 -31.04 10.99
CA TRP A 187 8.41 -32.24 10.20
C TRP A 187 8.90 -31.93 8.79
N ALA A 188 10.21 -31.96 8.62
CA ALA A 188 10.84 -31.67 7.35
C ALA A 188 10.75 -32.79 6.31
N SER A 189 11.02 -32.41 5.08
CA SER A 189 11.05 -33.34 3.95
C SER A 189 9.74 -34.06 3.58
N ASN A 190 8.62 -33.35 3.65
CA ASN A 190 7.37 -33.97 3.24
C ASN A 190 7.23 -33.55 1.78
N GLU A 191 6.13 -33.90 1.14
CA GLU A 191 5.94 -33.52 -0.26
C GLU A 191 4.48 -33.52 -0.66
N PHE A 192 4.16 -32.71 -1.66
CA PHE A 192 2.81 -32.63 -2.16
C PHE A 192 2.52 -33.84 -3.03
N SER A 193 1.29 -34.32 -2.94
CA SER A 193 0.81 -35.42 -3.77
C SER A 193 -0.03 -34.58 -4.71
N GLY A 194 0.47 -34.31 -5.91
CA GLY A 194 -0.29 -33.49 -6.82
C GLY A 194 0.18 -32.05 -6.64
N ASN A 195 -0.66 -31.10 -7.06
CA ASN A 195 -0.32 -29.70 -6.98
C ASN A 195 -0.85 -29.01 -5.72
N THR A 196 -1.76 -29.67 -4.98
CA THR A 196 -2.31 -29.06 -3.78
C THR A 196 -2.26 -29.97 -2.56
N GLY A 197 -2.55 -29.40 -1.39
CA GLY A 197 -2.53 -30.17 -0.16
C GLY A 197 -3.31 -29.45 0.92
N HIS A 198 -3.90 -30.21 1.85
CA HIS A 198 -4.68 -29.62 2.92
C HIS A 198 -4.01 -29.87 4.27
N PHE A 199 -4.44 -29.12 5.27
CA PHE A 199 -3.94 -29.27 6.63
C PHE A 199 -4.87 -28.53 7.57
N SER A 200 -4.96 -29.06 8.79
CA SER A 200 -5.83 -28.48 9.80
C SER A 200 -5.16 -28.61 11.15
N PHE A 201 -5.28 -27.58 11.98
CA PHE A 201 -4.71 -27.59 13.33
C PHE A 201 -5.56 -26.71 14.23
N ASP A 202 -5.57 -27.01 15.53
CA ASP A 202 -6.42 -26.31 16.49
C ASP A 202 -5.79 -25.31 17.46
N ALA A 203 -4.49 -25.03 17.35
CA ALA A 203 -3.89 -24.08 18.29
C ALA A 203 -2.51 -23.59 17.87
N GLY A 204 -1.99 -22.63 18.62
CA GLY A 204 -0.67 -22.08 18.33
C GLY A 204 -0.53 -21.43 16.98
N VAL A 205 0.68 -21.49 16.44
CA VAL A 205 0.99 -20.91 15.14
C VAL A 205 1.74 -21.97 14.33
N LEU A 206 1.37 -22.14 13.07
CA LEU A 206 2.00 -23.13 12.22
C LEU A 206 2.77 -22.47 11.09
N ALA A 207 4.02 -22.90 10.90
CA ALA A 207 4.84 -22.39 9.84
C ALA A 207 4.90 -23.46 8.77
N VAL A 208 4.73 -23.07 7.51
CA VAL A 208 4.78 -24.00 6.41
C VAL A 208 5.93 -23.61 5.50
N ILE A 209 6.87 -24.53 5.33
CA ILE A 209 8.05 -24.26 4.52
C ILE A 209 8.19 -25.12 3.28
N GLN A 210 8.29 -24.46 2.13
CA GLN A 210 8.51 -25.14 0.87
C GLN A 210 9.96 -24.83 0.52
N SER A 211 10.76 -25.86 0.29
CA SER A 211 12.16 -25.64 -0.02
C SER A 211 12.69 -26.42 -1.22
N ARG A 212 13.93 -26.10 -1.59
CA ARG A 212 14.60 -26.73 -2.71
C ARG A 212 16.10 -26.85 -2.40
N ASP A 213 16.79 -27.64 -3.21
CA ASP A 213 18.23 -27.81 -3.05
C ASP A 213 18.93 -26.73 -3.86
N THR B 3 36.84 -36.82 24.70
CA THR B 3 36.50 -37.40 23.38
C THR B 3 35.45 -36.55 22.67
N ILE B 4 35.90 -35.82 21.65
CA ILE B 4 35.01 -34.97 20.87
C ILE B 4 34.67 -35.72 19.59
N VAL B 5 33.39 -35.98 19.38
CA VAL B 5 32.97 -36.66 18.15
C VAL B 5 32.32 -35.63 17.26
N ASN B 6 32.81 -35.53 16.02
CA ASN B 6 32.26 -34.57 15.07
C ASN B 6 31.26 -35.23 14.14
N LEU B 7 30.08 -34.62 14.04
CA LEU B 7 29.02 -35.11 13.19
C LEU B 7 28.74 -34.11 12.08
N LEU B 8 28.77 -34.58 10.84
CA LEU B 8 28.51 -33.73 9.70
C LEU B 8 27.20 -34.11 9.04
N VAL B 9 26.25 -33.18 8.95
CA VAL B 9 25.00 -33.48 8.28
C VAL B 9 25.00 -32.85 6.89
N GLY B 10 23.84 -32.77 6.24
CA GLY B 10 23.79 -32.26 4.87
C GLY B 10 23.82 -30.79 4.49
N GLY B 11 23.96 -29.87 5.45
CA GLY B 11 23.97 -28.46 5.11
C GLY B 11 25.01 -27.99 4.09
N PRO B 12 24.86 -26.76 3.53
CA PRO B 12 25.79 -26.19 2.54
C PRO B 12 27.20 -26.05 3.08
N THR B 13 28.18 -26.39 2.24
CA THR B 13 29.59 -26.34 2.60
C THR B 13 30.05 -24.91 2.87
N ALA B 14 29.35 -23.93 2.31
CA ALA B 14 29.69 -22.53 2.50
C ALA B 14 29.62 -22.11 3.97
N ASN B 15 28.81 -22.81 4.75
CA ASN B 15 28.67 -22.49 6.17
C ASN B 15 29.68 -23.18 7.09
N TYR B 16 30.55 -24.02 6.53
CA TYR B 16 31.57 -24.69 7.34
C TYR B 16 32.46 -23.62 7.97
N PRO B 17 32.91 -23.83 9.22
CA PRO B 17 33.76 -22.83 9.88
C PRO B 17 35.22 -22.87 9.44
N ALA B 18 35.59 -23.93 8.74
CA ALA B 18 36.96 -24.10 8.26
C ALA B 18 37.09 -25.40 7.47
N ASP B 19 38.27 -25.63 6.91
CA ASP B 19 38.55 -26.84 6.16
C ASP B 19 38.30 -28.00 7.12
N LEU B 20 37.35 -28.88 6.79
CA LEU B 20 37.03 -29.98 7.68
C LEU B 20 38.22 -30.87 8.05
N THR B 21 39.24 -30.92 7.19
CA THR B 21 40.39 -31.76 7.47
C THR B 21 41.31 -31.17 8.54
N THR B 22 41.06 -29.92 8.93
CA THR B 22 41.87 -29.26 9.96
C THR B 22 41.24 -29.43 11.33
N ILE B 23 40.04 -29.99 11.38
CA ILE B 23 39.33 -30.19 12.63
C ILE B 23 39.61 -31.57 13.24
N PRO B 24 40.20 -31.61 14.44
CA PRO B 24 40.54 -32.85 15.14
C PRO B 24 39.34 -33.60 15.73
N GLY B 25 39.52 -34.90 15.93
CA GLY B 25 38.47 -35.74 16.49
C GLY B 25 37.83 -36.60 15.42
N PRO B 26 37.34 -37.81 15.77
CA PRO B 26 36.73 -38.69 14.77
C PRO B 26 35.50 -38.06 14.10
N TRP B 27 35.23 -38.46 12.87
CA TRP B 27 34.11 -37.92 12.12
C TRP B 27 33.02 -38.93 11.79
N VAL B 28 31.78 -38.47 11.91
CA VAL B 28 30.60 -39.26 11.61
C VAL B 28 29.82 -38.48 10.58
N GLY B 29 29.30 -39.18 9.57
CA GLY B 29 28.54 -38.51 8.54
C GLY B 29 27.14 -39.06 8.40
N ALA B 30 26.16 -38.15 8.27
CA ALA B 30 24.77 -38.56 8.12
C ALA B 30 24.28 -38.12 6.74
N ASP B 31 23.71 -39.06 6.00
CA ASP B 31 23.22 -38.78 4.66
C ASP B 31 24.27 -38.11 3.78
N ARG B 32 23.99 -36.91 3.29
CA ARG B 32 24.94 -36.21 2.43
C ARG B 32 26.26 -35.95 3.15
N GLY B 33 26.20 -35.76 4.46
CA GLY B 33 27.42 -35.52 5.23
C GLY B 33 28.49 -36.57 5.01
N ALA B 34 28.07 -37.82 4.88
CA ALA B 34 29.01 -38.93 4.67
C ALA B 34 29.72 -38.81 3.33
N LEU B 35 28.98 -38.41 2.31
CA LEU B 35 29.53 -38.23 0.97
C LEU B 35 30.56 -37.11 0.98
N ARG B 36 30.28 -36.06 1.74
CA ARG B 36 31.21 -34.93 1.80
C ARG B 36 32.49 -35.26 2.56
N LEU B 37 32.39 -36.16 3.55
CA LEU B 37 33.58 -36.54 4.29
C LEU B 37 34.47 -37.38 3.36
N VAL B 38 33.87 -38.35 2.69
CA VAL B 38 34.61 -39.21 1.78
C VAL B 38 35.30 -38.36 0.70
N LYS B 39 34.55 -37.43 0.11
CA LYS B 39 35.08 -36.57 -0.94
C LYS B 39 36.31 -35.76 -0.51
N ARG B 40 36.44 -35.52 0.79
CA ARG B 40 37.57 -34.75 1.31
C ARG B 40 38.67 -35.67 1.82
N GLY B 41 38.50 -36.97 1.60
CA GLY B 41 39.50 -37.93 2.04
C GLY B 41 39.47 -38.23 3.53
N ILE B 42 38.37 -37.89 4.19
CA ILE B 42 38.23 -38.15 5.62
C ILE B 42 37.58 -39.52 5.84
N GLN B 43 38.23 -40.38 6.61
CA GLN B 43 37.67 -41.70 6.88
C GLN B 43 36.70 -41.61 8.05
N PRO B 44 35.40 -41.70 7.79
CA PRO B 44 34.47 -41.61 8.92
C PRO B 44 34.49 -42.87 9.78
N VAL B 45 34.39 -42.70 11.10
CA VAL B 45 34.38 -43.85 12.00
C VAL B 45 32.99 -44.48 11.97
N MSE B 46 32.02 -43.71 11.51
CA MSE B 46 30.65 -44.17 11.42
C MSE B 46 29.90 -43.40 10.35
O MSE B 46 30.17 -42.22 10.11
CB MSE B 46 29.93 -44.00 12.77
CG MSE B 46 28.42 -44.19 12.72
SE MSE B 46 27.54 -43.82 14.42
CE MSE B 46 28.83 -42.65 15.18
N VAL B 47 28.96 -44.09 9.71
CA VAL B 47 28.16 -43.52 8.65
C VAL B 47 26.70 -43.89 8.92
N VAL B 48 25.80 -42.92 8.76
CA VAL B 48 24.38 -43.14 9.00
C VAL B 48 23.60 -42.66 7.78
N GLY B 49 22.72 -43.51 7.26
CA GLY B 49 21.93 -43.15 6.10
C GLY B 49 21.83 -44.28 5.11
N ASP B 50 20.95 -44.13 4.14
CA ASP B 50 20.75 -45.13 3.10
C ASP B 50 21.70 -44.82 1.96
N PHE B 51 22.75 -45.61 1.82
CA PHE B 51 23.73 -45.39 0.78
C PHE B 51 23.73 -46.50 -0.28
N ASP B 52 22.59 -47.15 -0.46
CA ASP B 52 22.51 -48.22 -1.45
C ASP B 52 21.81 -47.82 -2.74
N SER B 53 20.93 -46.82 -2.65
CA SER B 53 20.21 -46.37 -3.84
C SER B 53 20.88 -45.13 -4.42
N ILE B 54 22.15 -44.93 -4.09
CA ILE B 54 22.89 -43.79 -4.60
C ILE B 54 23.53 -44.14 -5.94
N ASP B 55 23.95 -43.11 -6.65
CA ASP B 55 24.57 -43.22 -7.96
C ASP B 55 25.63 -44.29 -8.16
N ALA B 56 25.56 -44.97 -9.30
CA ALA B 56 26.53 -46.01 -9.65
C ALA B 56 27.91 -45.37 -9.75
N ALA B 57 27.95 -44.17 -10.33
CA ALA B 57 29.19 -43.43 -10.50
C ALA B 57 29.89 -43.21 -9.16
N GLU B 58 29.10 -43.06 -8.09
CA GLU B 58 29.66 -42.84 -6.76
C GLU B 58 29.50 -44.00 -5.79
N LEU B 59 28.80 -45.04 -6.24
CA LEU B 59 28.56 -46.21 -5.42
C LEU B 59 29.82 -46.89 -4.89
N GLN B 60 30.66 -47.40 -5.79
CA GLN B 60 31.90 -48.08 -5.39
C GLN B 60 32.84 -47.23 -4.54
N THR B 61 33.08 -45.99 -4.95
CA THR B 61 33.98 -45.12 -4.20
C THR B 61 33.52 -44.90 -2.76
N VAL B 62 32.21 -44.78 -2.54
CA VAL B 62 31.70 -44.59 -1.18
C VAL B 62 31.78 -45.93 -0.45
N LYS B 63 31.51 -47.00 -1.17
CA LYS B 63 31.56 -48.35 -0.61
C LYS B 63 32.96 -48.62 -0.06
N ASP B 64 33.99 -48.12 -0.75
CA ASP B 64 35.35 -48.30 -0.32
C ASP B 64 35.61 -47.64 1.04
N ALA B 65 35.09 -46.42 1.21
CA ALA B 65 35.27 -45.68 2.45
C ALA B 65 34.40 -46.26 3.57
N LEU B 66 33.27 -46.83 3.20
CA LEU B 66 32.36 -47.42 4.18
C LEU B 66 32.86 -48.73 4.79
N VAL B 67 33.89 -49.34 4.20
CA VAL B 67 34.42 -50.59 4.72
C VAL B 67 34.99 -50.40 6.13
N GLY B 68 35.77 -49.34 6.31
CA GLY B 68 36.37 -49.07 7.60
C GLY B 68 35.50 -48.22 8.52
N ALA B 69 34.24 -48.05 8.17
CA ALA B 69 33.34 -47.27 8.99
C ALA B 69 32.20 -48.12 9.54
N ILE B 70 31.65 -47.70 10.67
CA ILE B 70 30.52 -48.38 11.26
C ILE B 70 29.33 -47.88 10.45
N VAL B 71 28.63 -48.78 9.77
CA VAL B 71 27.51 -48.37 8.95
C VAL B 71 26.15 -48.57 9.64
N VAL B 72 25.48 -47.47 9.91
CA VAL B 72 24.18 -47.51 10.55
C VAL B 72 23.07 -47.22 9.55
N LYS B 73 22.17 -48.17 9.39
CA LYS B 73 21.03 -48.05 8.47
C LYS B 73 19.87 -47.27 9.07
N PRO B 74 19.13 -46.53 8.22
CA PRO B 74 18.00 -45.78 8.73
C PRO B 74 17.03 -46.72 9.41
N ASP B 75 16.30 -46.24 10.40
CA ASP B 75 15.33 -47.07 11.07
C ASP B 75 13.95 -46.53 10.70
N GLN B 76 12.94 -46.95 11.43
CA GLN B 76 11.59 -46.51 11.14
C GLN B 76 11.12 -45.37 12.04
N ASP B 77 11.75 -45.24 13.20
CA ASP B 77 11.40 -44.23 14.21
C ASP B 77 12.14 -42.90 14.22
N HIS B 78 13.34 -42.84 13.67
CA HIS B 78 14.09 -41.58 13.72
C HIS B 78 14.53 -40.98 12.38
N THR B 79 14.88 -39.70 12.42
CA THR B 79 15.41 -39.05 11.24
C THR B 79 16.83 -39.61 11.25
N ASP B 80 17.57 -39.46 10.16
CA ASP B 80 18.93 -39.98 10.15
C ASP B 80 19.82 -39.17 11.08
N THR B 81 19.53 -37.89 11.23
CA THR B 81 20.35 -37.05 12.12
C THR B 81 20.12 -37.49 13.57
N GLN B 82 18.88 -37.79 13.92
CA GLN B 82 18.57 -38.23 15.28
C GLN B 82 19.23 -39.59 15.54
N LEU B 83 19.17 -40.46 14.54
CA LEU B 83 19.74 -41.80 14.66
C LEU B 83 21.26 -41.72 14.80
N ALA B 84 21.85 -40.76 14.11
CA ALA B 84 23.29 -40.57 14.19
C ALA B 84 23.67 -40.12 15.60
N ILE B 85 22.88 -39.22 16.17
CA ILE B 85 23.12 -38.72 17.53
C ILE B 85 22.97 -39.88 18.52
N LYS B 86 21.89 -40.64 18.37
CA LYS B 86 21.66 -41.76 19.27
C LYS B 86 22.79 -42.79 19.17
N SER B 87 23.18 -43.11 17.94
CA SER B 87 24.24 -44.09 17.72
C SER B 87 25.58 -43.64 18.27
N ILE B 88 25.90 -42.37 18.11
CA ILE B 88 27.16 -41.82 18.61
C ILE B 88 27.31 -42.02 20.12
N PHE B 89 26.27 -41.65 20.86
CA PHE B 89 26.29 -41.78 22.31
C PHE B 89 26.25 -43.24 22.73
N GLU B 90 25.62 -44.05 21.88
CA GLU B 90 25.50 -45.47 22.14
C GLU B 90 26.80 -46.24 21.89
N GLN B 91 27.52 -45.88 20.83
CA GLN B 91 28.75 -46.61 20.50
C GLN B 91 30.10 -45.90 20.57
N LEU B 92 30.13 -44.57 20.61
CA LEU B 92 31.44 -43.91 20.62
C LEU B 92 31.96 -43.27 21.91
N GLN B 93 31.25 -43.49 23.01
CA GLN B 93 31.67 -42.94 24.31
C GLN B 93 32.15 -41.49 24.22
N PRO B 94 31.35 -40.60 23.62
CA PRO B 94 31.77 -39.20 23.51
C PRO B 94 31.51 -38.35 24.75
N ASP B 95 32.33 -37.32 24.95
CA ASP B 95 32.16 -36.40 26.06
C ASP B 95 31.33 -35.25 25.48
N GLU B 96 31.59 -34.93 24.22
CA GLU B 96 30.87 -33.87 23.51
C GLU B 96 30.71 -34.24 22.05
N VAL B 97 29.60 -33.79 21.47
CA VAL B 97 29.31 -34.02 20.07
C VAL B 97 29.17 -32.65 19.39
N HIS B 98 29.98 -32.42 18.37
CA HIS B 98 29.94 -31.17 17.62
C HIS B 98 29.29 -31.40 16.27
N LEU B 99 28.17 -30.72 16.04
CA LEU B 99 27.39 -30.83 14.82
C LEU B 99 27.77 -29.79 13.77
N TYR B 100 28.25 -30.24 12.61
CA TYR B 100 28.62 -29.34 11.53
C TYR B 100 27.65 -29.57 10.36
N GLY B 101 27.52 -28.55 9.50
CA GLY B 101 26.62 -28.66 8.37
C GLY B 101 25.15 -28.68 8.79
N ALA B 102 24.87 -28.18 9.98
CA ALA B 102 23.49 -28.16 10.48
C ALA B 102 22.74 -26.87 10.18
N THR B 103 23.41 -25.92 9.52
CA THR B 103 22.79 -24.63 9.20
C THR B 103 22.82 -24.32 7.70
N GLY B 104 22.14 -23.24 7.33
CA GLY B 104 22.08 -22.84 5.93
C GLY B 104 21.19 -23.75 5.10
N GLY B 105 21.00 -23.40 3.84
CA GLY B 105 20.17 -24.22 2.97
C GLY B 105 18.71 -24.30 3.37
N ARG B 106 18.19 -25.52 3.42
CA ARG B 106 16.80 -25.76 3.76
C ARG B 106 16.49 -25.43 5.23
N LEU B 107 15.48 -24.59 5.43
CA LEU B 107 15.07 -24.17 6.76
C LEU B 107 14.38 -25.26 7.57
N ASP B 108 13.73 -26.23 6.93
CA ASP B 108 13.09 -27.26 7.72
C ASP B 108 14.12 -28.14 8.40
N HIS B 109 15.25 -28.38 7.73
CA HIS B 109 16.31 -29.17 8.33
C HIS B 109 16.98 -28.37 9.44
N LEU B 110 17.14 -27.07 9.21
CA LEU B 110 17.78 -26.20 10.18
C LEU B 110 17.02 -26.18 11.50
N LEU B 111 15.71 -26.00 11.44
CA LEU B 111 14.92 -25.98 12.67
C LEU B 111 14.92 -27.35 13.30
N ALA B 112 14.98 -28.39 12.48
CA ALA B 112 14.98 -29.76 12.99
C ALA B 112 16.26 -30.01 13.80
N ASN B 113 17.36 -29.39 13.37
CA ASN B 113 18.63 -29.56 14.09
C ASN B 113 18.65 -28.74 15.35
N MSE B 114 17.98 -27.60 15.32
CA MSE B 114 17.92 -26.70 16.47
C MSE B 114 17.01 -27.24 17.54
O MSE B 114 17.23 -27.00 18.73
CB MSE B 114 17.41 -25.33 16.02
CG MSE B 114 17.74 -24.20 16.97
SE MSE B 114 19.61 -23.71 16.82
CE MSE B 114 19.47 -22.79 15.11
N TRP B 115 15.97 -27.99 17.13
CA TRP B 115 15.00 -28.53 18.08
C TRP B 115 15.15 -30.02 18.36
N LEU B 116 16.18 -30.63 17.79
CA LEU B 116 16.42 -32.05 17.97
C LEU B 116 16.45 -32.50 19.43
N VAL B 117 17.13 -31.75 20.29
CA VAL B 117 17.22 -32.14 21.69
C VAL B 117 15.96 -31.95 22.54
N LEU B 118 14.89 -31.44 21.94
CA LEU B 118 13.64 -31.25 22.68
C LEU B 118 12.96 -32.58 22.99
N ASP B 119 13.16 -33.57 22.13
CA ASP B 119 12.58 -34.89 22.34
C ASP B 119 13.05 -35.37 23.73
N PRO B 120 12.12 -35.79 24.59
CA PRO B 120 12.47 -36.25 25.94
C PRO B 120 13.60 -37.26 25.97
N VAL B 121 13.64 -38.13 24.97
CA VAL B 121 14.67 -39.14 24.87
C VAL B 121 16.04 -38.51 24.60
N PHE B 122 16.08 -37.59 23.65
CA PHE B 122 17.36 -36.95 23.29
C PHE B 122 17.74 -35.81 24.23
N ARG B 123 16.78 -35.34 25.01
CA ARG B 123 17.04 -34.24 25.93
C ARG B 123 18.17 -34.49 26.92
N GLN B 124 18.39 -35.75 27.31
CA GLN B 124 19.45 -36.05 28.26
C GLN B 124 20.84 -35.71 27.71
N TRP B 125 20.94 -35.59 26.39
CA TRP B 125 22.22 -35.29 25.74
C TRP B 125 22.38 -33.82 25.33
N ALA B 126 21.36 -33.00 25.56
CA ALA B 126 21.42 -31.58 25.20
C ALA B 126 22.71 -30.90 25.71
N PRO B 127 23.09 -31.16 26.97
CA PRO B 127 24.30 -30.55 27.53
C PRO B 127 25.59 -30.91 26.80
N GLN B 128 25.57 -31.98 26.03
CA GLN B 128 26.76 -32.44 25.32
C GLN B 128 26.78 -32.20 23.82
N ILE B 129 25.73 -31.57 23.29
CA ILE B 129 25.65 -31.31 21.86
C ILE B 129 25.88 -29.84 21.51
N LYS B 130 26.93 -29.60 20.71
CA LYS B 130 27.27 -28.25 20.29
C LYS B 130 27.19 -28.11 18.78
N LEU B 131 26.41 -27.14 18.33
CA LEU B 131 26.22 -26.86 16.91
C LEU B 131 27.23 -25.80 16.50
N ILE B 132 27.95 -26.03 15.40
CA ILE B 132 28.98 -25.09 14.96
C ILE B 132 29.01 -24.74 13.47
N ASP B 133 28.99 -23.45 13.16
CA ASP B 133 29.12 -23.05 11.76
C ASP B 133 30.01 -21.82 11.68
N LYS B 134 30.21 -21.30 10.47
CA LYS B 134 31.10 -20.16 10.28
C LYS B 134 30.89 -18.95 11.20
N GLN B 135 29.63 -18.56 11.43
CA GLN B 135 29.34 -17.40 12.28
C GLN B 135 28.67 -17.72 13.61
N ASN B 136 28.41 -19.00 13.89
CA ASN B 136 27.72 -19.36 15.12
C ASN B 136 28.25 -20.60 15.84
N SER B 137 27.91 -20.67 17.12
CA SER B 137 28.23 -21.80 17.99
C SER B 137 27.02 -21.85 18.91
N VAL B 138 26.31 -22.96 18.86
CA VAL B 138 25.11 -23.12 19.67
C VAL B 138 25.30 -24.18 20.75
N ARG B 139 24.91 -23.84 21.98
CA ARG B 139 25.01 -24.78 23.09
C ARG B 139 23.60 -24.91 23.68
N PHE B 140 23.32 -26.06 24.27
CA PHE B 140 22.01 -26.32 24.87
C PHE B 140 22.15 -26.61 26.36
N PHE B 141 21.18 -26.15 27.13
CA PHE B 141 21.20 -26.34 28.58
C PHE B 141 19.88 -26.86 29.12
N LEU B 142 19.99 -27.57 30.24
CA LEU B 142 18.85 -28.13 30.96
C LEU B 142 18.72 -27.21 32.16
N PRO B 143 17.52 -27.12 32.78
CA PRO B 143 17.33 -26.24 33.94
C PRO B 143 18.42 -26.24 35.01
N GLY B 144 18.74 -25.04 35.49
CA GLY B 144 19.75 -24.88 36.52
C GLY B 144 20.38 -23.50 36.49
N ASP B 145 21.60 -23.38 37.01
CA ASP B 145 22.33 -22.12 37.01
C ASP B 145 23.62 -22.38 36.28
N TYR B 146 24.06 -21.44 35.46
CA TYR B 146 25.29 -21.66 34.72
C TYR B 146 26.18 -20.44 34.56
N GLN B 147 27.40 -20.70 34.09
CA GLN B 147 28.39 -19.67 33.83
C GLN B 147 29.02 -19.97 32.48
N ILE B 148 29.11 -18.97 31.62
CA ILE B 148 29.73 -19.16 30.31
C ILE B 148 30.72 -18.03 30.08
N THR B 149 31.66 -18.25 29.17
CA THR B 149 32.65 -17.23 28.86
C THR B 149 32.53 -16.91 27.37
N LYS B 150 33.02 -15.74 27.01
CA LYS B 150 32.95 -15.31 25.62
C LYS B 150 33.95 -15.98 24.70
N GLU B 151 33.47 -16.51 23.58
CA GLU B 151 34.33 -17.14 22.59
C GLU B 151 35.13 -16.02 21.95
N ALA B 152 36.44 -16.23 21.83
CA ALA B 152 37.34 -15.22 21.28
C ALA B 152 36.88 -14.55 19.99
N ASP B 153 36.46 -15.34 19.00
CA ASP B 153 36.04 -14.77 17.73
C ASP B 153 34.60 -14.27 17.68
N LYS B 154 33.83 -14.50 18.76
CA LYS B 154 32.43 -14.08 18.77
C LYS B 154 32.21 -12.67 19.35
N ARG B 155 31.17 -12.01 18.84
CA ARG B 155 30.83 -10.65 19.25
C ARG B 155 29.45 -10.57 19.92
N TYR B 156 28.52 -11.40 19.45
CA TYR B 156 27.16 -11.38 19.97
C TYR B 156 26.81 -12.58 20.83
N LEU B 157 25.89 -12.35 21.77
CA LEU B 157 25.43 -13.36 22.71
C LEU B 157 23.90 -13.39 22.66
N ALA B 158 23.31 -14.58 22.56
CA ALA B 158 21.86 -14.65 22.52
C ALA B 158 21.30 -15.81 23.32
N PHE B 159 20.22 -15.53 24.05
CA PHE B 159 19.58 -16.55 24.84
C PHE B 159 18.29 -16.92 24.14
N VAL B 160 18.14 -18.21 23.86
CA VAL B 160 16.98 -18.68 23.12
C VAL B 160 16.15 -19.75 23.81
N PRO B 161 15.11 -19.33 24.55
CA PRO B 161 14.27 -20.33 25.23
C PRO B 161 13.47 -21.09 24.17
N LEU B 162 13.59 -22.41 24.16
CA LEU B 162 12.90 -23.23 23.17
C LEU B 162 11.57 -23.73 23.67
N MSE B 163 11.38 -23.63 24.98
CA MSE B 163 10.16 -24.06 25.64
C MSE B 163 9.88 -23.08 26.77
O MSE B 163 10.79 -22.40 27.26
CB MSE B 163 10.34 -25.47 26.20
CG MSE B 163 10.55 -26.53 25.13
SE MSE B 163 10.84 -28.33 25.84
CE MSE B 163 9.14 -28.58 26.71
N PRO B 164 8.61 -22.96 27.19
CA PRO B 164 8.22 -22.03 28.27
C PRO B 164 9.13 -22.17 29.48
N MSE B 165 9.52 -21.03 30.05
CA MSE B 165 10.39 -21.04 31.22
C MSE B 165 10.53 -19.64 31.78
O MSE B 165 10.10 -18.66 31.16
CB MSE B 165 11.78 -21.53 30.84
CG MSE B 165 12.51 -20.56 29.91
SE MSE B 165 14.38 -20.88 29.56
CE MSE B 165 14.21 -22.57 28.62
N HIS B 166 11.14 -19.56 32.96
CA HIS B 166 11.44 -18.26 33.57
C HIS B 166 12.94 -18.21 33.37
N LEU B 167 13.40 -17.13 32.77
CA LEU B 167 14.81 -16.97 32.48
C LEU B 167 15.37 -15.75 33.18
N THR B 168 16.53 -15.91 33.81
CA THR B 168 17.17 -14.81 34.50
C THR B 168 18.57 -14.59 33.96
N LEU B 169 18.81 -13.36 33.49
CA LEU B 169 20.08 -12.93 32.92
C LEU B 169 20.50 -11.74 33.80
N PRO B 170 21.33 -11.98 34.82
CA PRO B 170 21.80 -10.96 35.75
C PRO B 170 23.02 -10.08 35.44
N ASP B 171 23.91 -10.50 34.54
CA ASP B 171 25.09 -9.69 34.28
C ASP B 171 25.50 -9.46 32.84
N GLU B 172 24.59 -9.69 31.91
CA GLU B 172 24.89 -9.49 30.49
C GLU B 172 24.61 -8.03 30.12
N LYS B 173 24.96 -7.63 28.90
CA LYS B 173 24.70 -6.27 28.44
C LYS B 173 23.26 -5.90 28.77
N TYR B 174 22.35 -6.80 28.42
CA TYR B 174 20.92 -6.62 28.68
C TYR B 174 20.53 -7.68 29.70
N GLN B 175 19.64 -7.36 30.62
CA GLN B 175 19.25 -8.30 31.64
C GLN B 175 17.78 -8.71 31.66
N LEU B 176 17.50 -9.80 32.35
CA LEU B 176 16.16 -10.33 32.49
C LEU B 176 16.00 -10.85 33.91
N ASP B 177 14.84 -10.60 34.50
CA ASP B 177 14.55 -11.04 35.86
C ASP B 177 13.39 -12.04 35.80
N ALA B 178 13.71 -13.32 35.84
CA ALA B 178 12.68 -14.35 35.79
C ALA B 178 11.67 -14.08 34.67
N ALA B 179 12.17 -13.70 33.50
CA ALA B 179 11.30 -13.42 32.36
C ALA B 179 10.63 -14.70 31.89
N TYR B 180 9.32 -14.63 31.66
CA TYR B 180 8.55 -15.77 31.21
C TYR B 180 8.26 -15.72 29.72
N ASN B 181 8.34 -16.87 29.06
CA ASN B 181 8.03 -16.96 27.64
C ASN B 181 7.02 -18.08 27.47
N ALA B 182 5.97 -17.83 26.70
CA ALA B 182 4.93 -18.85 26.47
C ALA B 182 5.17 -19.56 25.16
N TYR B 183 6.27 -19.22 24.49
CA TYR B 183 6.61 -19.81 23.21
C TYR B 183 8.08 -19.55 22.92
N PRO B 184 8.65 -20.27 21.94
CA PRO B 184 10.07 -20.03 21.66
C PRO B 184 10.35 -18.56 21.33
N ILE B 185 11.45 -18.05 21.88
CA ILE B 185 11.88 -16.67 21.67
C ILE B 185 13.38 -16.60 21.48
N SER B 186 13.82 -15.73 20.59
CA SER B 186 15.25 -15.57 20.37
C SER B 186 15.65 -14.16 20.84
N TRP B 187 16.24 -14.08 22.03
CA TRP B 187 16.70 -12.81 22.56
C TRP B 187 18.07 -12.52 21.95
N ALA B 188 18.04 -12.08 20.70
CA ALA B 188 19.26 -11.81 19.95
C ALA B 188 20.00 -10.53 20.31
N SER B 189 21.27 -10.51 19.90
CA SER B 189 22.17 -9.38 20.07
C SER B 189 22.49 -8.90 21.49
N ASN B 190 22.49 -9.81 22.45
CA ASN B 190 22.88 -9.42 23.80
C ASN B 190 24.39 -9.53 23.71
N GLU B 191 25.10 -9.23 24.79
CA GLU B 191 26.55 -9.32 24.73
C GLU B 191 27.11 -9.53 26.12
N PHE B 192 28.29 -10.14 26.16
CA PHE B 192 28.99 -10.38 27.41
C PHE B 192 29.44 -9.04 27.98
N SER B 193 29.31 -8.89 29.29
CA SER B 193 29.74 -7.69 29.98
C SER B 193 30.77 -8.22 30.97
N GLY B 194 32.02 -8.33 30.50
CA GLY B 194 33.08 -8.89 31.31
C GLY B 194 33.52 -10.16 30.60
N ASN B 195 34.29 -11.01 31.26
CA ASN B 195 34.74 -12.24 30.62
C ASN B 195 33.71 -13.34 30.68
N THR B 196 32.86 -13.30 31.70
CA THR B 196 31.86 -14.34 31.87
C THR B 196 30.45 -13.78 31.95
N GLY B 197 29.49 -14.68 31.87
CA GLY B 197 28.10 -14.29 31.96
C GLY B 197 27.39 -15.42 32.66
N HIS B 198 26.29 -15.10 33.36
CA HIS B 198 25.55 -16.13 34.05
C HIS B 198 24.09 -16.12 33.65
N PHE B 199 23.38 -17.18 34.02
CA PHE B 199 21.97 -17.28 33.71
C PHE B 199 21.36 -18.42 34.47
N SER B 200 20.05 -18.33 34.68
CA SER B 200 19.32 -19.37 35.40
C SER B 200 17.93 -19.51 34.80
N PHE B 201 17.44 -20.74 34.74
CA PHE B 201 16.09 -20.99 34.25
C PHE B 201 15.55 -22.23 34.94
N ASP B 202 14.23 -22.33 35.00
CA ASP B 202 13.58 -23.43 35.71
C ASP B 202 12.93 -24.54 34.89
N ALA B 203 12.88 -24.43 33.58
CA ALA B 203 12.24 -25.48 32.80
C ALA B 203 12.58 -25.48 31.33
N GLY B 204 12.08 -26.49 30.63
CA GLY B 204 12.31 -26.62 29.20
C GLY B 204 13.77 -26.82 28.84
N VAL B 205 14.14 -26.30 27.68
CA VAL B 205 15.51 -26.39 27.17
C VAL B 205 15.88 -25.00 26.70
N LEU B 206 17.09 -24.57 27.01
CA LEU B 206 17.57 -23.25 26.63
C LEU B 206 18.73 -23.37 25.65
N ALA B 207 18.65 -22.66 24.53
CA ALA B 207 19.75 -22.68 23.58
C ALA B 207 20.47 -21.36 23.82
N VAL B 208 21.80 -21.36 23.67
CA VAL B 208 22.62 -20.17 23.86
C VAL B 208 23.47 -20.04 22.61
N ILE B 209 23.39 -18.90 21.95
CA ILE B 209 24.13 -18.71 20.72
C ILE B 209 25.15 -17.59 20.72
N GLN B 210 26.39 -17.93 20.44
CA GLN B 210 27.43 -16.91 20.34
C GLN B 210 27.66 -16.78 18.84
N SER B 211 27.54 -15.57 18.32
CA SER B 211 27.71 -15.35 16.90
C SER B 211 28.60 -14.16 16.57
N ARG B 212 28.92 -14.03 15.30
CA ARG B 212 29.77 -12.95 14.81
C ARG B 212 29.26 -12.52 13.45
N ASP B 213 29.84 -11.46 12.91
CA ASP B 213 29.45 -11.00 11.58
C ASP B 213 30.40 -11.69 10.61
N ASP B 214 30.01 -11.75 9.34
CA ASP B 214 30.87 -12.34 8.34
C ASP B 214 31.69 -11.14 7.86
N SER B 215 32.77 -10.85 8.57
CA SER B 215 33.63 -9.71 8.24
C SER B 215 34.10 -9.69 6.80
N MSE B 216 34.51 -10.85 6.30
CA MSE B 216 35.00 -10.95 4.92
C MSE B 216 33.93 -10.47 3.94
O MSE B 216 34.17 -9.54 3.18
CB MSE B 216 35.38 -12.40 4.61
CG MSE B 216 36.53 -12.94 5.46
SE MSE B 216 38.27 -12.33 4.86
CE MSE B 216 39.20 -14.02 4.92
N ALA B 217 32.76 -11.11 3.98
CA ALA B 217 31.66 -10.74 3.08
C ALA B 217 31.22 -9.29 3.28
N ASP B 218 31.14 -8.85 4.54
CA ASP B 218 30.74 -7.48 4.82
C ASP B 218 31.74 -6.49 4.22
N ALA B 219 33.02 -6.85 4.21
CA ALA B 219 34.06 -5.99 3.67
C ALA B 219 33.95 -5.84 2.16
N LEU B 220 33.03 -6.57 1.54
CA LEU B 220 32.83 -6.49 0.10
C LEU B 220 31.53 -5.72 -0.12
N GLU B 221 30.75 -5.63 0.98
CA GLU B 221 29.47 -4.93 1.08
C GLU B 221 28.26 -5.80 1.47
N ALA C 2 -23.50 48.77 -19.60
CA ALA C 2 -24.15 47.64 -20.32
C ALA C 2 -25.43 47.21 -19.61
N THR C 3 -26.33 46.60 -20.36
CA THR C 3 -27.58 46.12 -19.80
C THR C 3 -27.38 44.66 -19.40
N ILE C 4 -27.90 44.26 -18.24
CA ILE C 4 -27.72 42.88 -17.84
C ILE C 4 -28.95 42.27 -17.18
N VAL C 5 -29.00 40.94 -17.20
CA VAL C 5 -30.07 40.20 -16.56
C VAL C 5 -29.41 39.18 -15.65
N ASN C 6 -29.84 39.13 -14.40
CA ASN C 6 -29.28 38.18 -13.45
C ASN C 6 -30.15 36.92 -13.39
N LEU C 7 -29.52 35.77 -13.59
CA LEU C 7 -30.20 34.50 -13.57
C LEU C 7 -29.73 33.70 -12.36
N LEU C 8 -30.68 33.29 -11.51
CA LEU C 8 -30.32 32.51 -10.34
C LEU C 8 -30.82 31.07 -10.46
N VAL C 9 -29.90 30.11 -10.39
CA VAL C 9 -30.30 28.70 -10.46
C VAL C 9 -30.23 28.13 -9.04
N GLY C 10 -30.34 26.81 -8.90
CA GLY C 10 -30.39 26.22 -7.57
C GLY C 10 -29.19 25.86 -6.70
N GLY C 11 -28.02 26.40 -6.95
CA GLY C 11 -26.86 26.06 -6.14
C GLY C 11 -26.94 26.56 -4.69
N PRO C 12 -26.02 26.11 -3.81
CA PRO C 12 -26.00 26.52 -2.39
C PRO C 12 -25.76 28.01 -2.20
N THR C 13 -26.50 28.61 -1.28
CA THR C 13 -26.38 30.04 -1.00
C THR C 13 -24.98 30.44 -0.51
N ALA C 14 -24.25 29.49 0.07
CA ALA C 14 -22.91 29.76 0.58
C ALA C 14 -21.98 30.31 -0.49
N ASN C 15 -22.27 30.00 -1.74
CA ASN C 15 -21.42 30.46 -2.84
C ASN C 15 -21.80 31.80 -3.45
N TYR C 16 -22.91 32.38 -2.99
CA TYR C 16 -23.32 33.69 -3.49
C TYR C 16 -22.19 34.64 -3.10
N PRO C 17 -21.88 35.63 -3.95
CA PRO C 17 -20.82 36.60 -3.68
C PRO C 17 -21.25 37.69 -2.69
N ALA C 18 -22.56 37.84 -2.52
CA ALA C 18 -23.10 38.86 -1.62
C ALA C 18 -24.60 38.69 -1.44
N ASP C 19 -25.17 39.54 -0.61
CA ASP C 19 -26.61 39.54 -0.36
C ASP C 19 -27.23 39.84 -1.74
N LEU C 20 -28.02 38.91 -2.26
CA LEU C 20 -28.61 39.09 -3.57
C LEU C 20 -29.39 40.39 -3.73
N THR C 21 -30.04 40.83 -2.66
CA THR C 21 -30.83 42.06 -2.70
C THR C 21 -29.91 43.27 -2.88
N THR C 22 -28.60 43.00 -2.86
CA THR C 22 -27.58 44.04 -3.00
C THR C 22 -27.13 44.15 -4.46
N ILE C 23 -27.50 43.16 -5.27
CA ILE C 23 -27.12 43.14 -6.66
C ILE C 23 -28.17 43.75 -7.60
N PRO C 24 -27.77 44.82 -8.32
CA PRO C 24 -28.63 45.54 -9.26
C PRO C 24 -28.90 44.81 -10.56
N GLY C 25 -30.05 45.09 -11.15
CA GLY C 25 -30.45 44.48 -12.41
C GLY C 25 -31.62 43.54 -12.21
N PRO C 26 -32.49 43.38 -13.23
CA PRO C 26 -33.62 42.47 -13.05
C PRO C 26 -33.17 41.04 -12.74
N TRP C 27 -34.03 40.27 -12.08
CA TRP C 27 -33.70 38.89 -11.72
C TRP C 27 -34.67 37.86 -12.32
N VAL C 28 -34.11 36.73 -12.74
CA VAL C 28 -34.86 35.62 -13.29
C VAL C 28 -34.46 34.42 -12.43
N GLY C 29 -35.43 33.58 -12.10
CA GLY C 29 -35.12 32.41 -11.29
C GLY C 29 -35.54 31.15 -12.02
N ALA C 30 -34.68 30.14 -12.00
CA ALA C 30 -34.97 28.86 -12.63
C ALA C 30 -35.05 27.81 -11.53
N ASP C 31 -36.17 27.10 -11.48
CA ASP C 31 -36.37 26.08 -10.47
C ASP C 31 -36.17 26.64 -9.05
N ARG C 32 -35.33 25.98 -8.27
CA ARG C 32 -35.08 26.39 -6.90
C ARG C 32 -34.58 27.83 -6.77
N GLY C 33 -33.94 28.35 -7.81
CA GLY C 33 -33.47 29.72 -7.78
C GLY C 33 -34.65 30.66 -7.65
N ALA C 34 -35.76 30.30 -8.28
CA ALA C 34 -36.97 31.11 -8.21
C ALA C 34 -37.47 31.16 -6.78
N LEU C 35 -37.47 30.01 -6.11
CA LEU C 35 -37.92 29.94 -4.72
C LEU C 35 -36.98 30.76 -3.84
N ARG C 36 -35.70 30.79 -4.21
CA ARG C 36 -34.70 31.55 -3.47
C ARG C 36 -35.01 33.05 -3.59
N LEU C 37 -35.33 33.49 -4.80
CA LEU C 37 -35.65 34.90 -5.03
C LEU C 37 -36.90 35.30 -4.25
N VAL C 38 -37.91 34.43 -4.27
CA VAL C 38 -39.15 34.68 -3.57
C VAL C 38 -38.90 34.78 -2.06
N LYS C 39 -38.01 33.94 -1.55
CA LYS C 39 -37.67 33.91 -0.13
C LYS C 39 -37.04 35.25 0.30
N ARG C 40 -36.17 35.81 -0.54
CA ARG C 40 -35.50 37.08 -0.23
C ARG C 40 -36.31 38.32 -0.59
N GLY C 41 -37.51 38.13 -1.11
CA GLY C 41 -38.33 39.27 -1.45
C GLY C 41 -37.98 39.95 -2.76
N ILE C 42 -37.15 39.30 -3.58
CA ILE C 42 -36.78 39.87 -4.86
C ILE C 42 -37.86 39.47 -5.85
N GLN C 43 -38.47 40.47 -6.51
CA GLN C 43 -39.53 40.22 -7.48
C GLN C 43 -38.93 39.82 -8.81
N PRO C 44 -39.05 38.55 -9.19
CA PRO C 44 -38.47 38.14 -10.48
C PRO C 44 -39.30 38.63 -11.66
N VAL C 45 -38.63 39.13 -12.69
CA VAL C 45 -39.33 39.58 -13.90
C VAL C 45 -39.77 38.33 -14.66
N MSE C 46 -39.02 37.25 -14.50
CA MSE C 46 -39.30 35.98 -15.16
C MSE C 46 -38.91 34.80 -14.28
O MSE C 46 -37.95 34.87 -13.50
CB MSE C 46 -38.52 35.87 -16.48
CG MSE C 46 -38.66 34.53 -17.18
SE MSE C 46 -37.49 34.40 -18.72
CE MSE C 46 -38.45 35.56 -19.94
N VAL C 47 -39.65 33.72 -14.42
CA VAL C 47 -39.42 32.50 -13.65
C VAL C 47 -39.57 31.29 -14.59
N VAL C 48 -38.67 30.31 -14.44
CA VAL C 48 -38.68 29.13 -15.28
C VAL C 48 -38.72 27.86 -14.46
N GLY C 49 -39.74 27.05 -14.70
CA GLY C 49 -39.88 25.79 -13.97
C GLY C 49 -41.34 25.51 -13.67
N ASP C 50 -41.61 24.44 -12.93
CA ASP C 50 -42.98 24.11 -12.58
C ASP C 50 -43.20 24.37 -11.09
N PHE C 51 -44.03 25.36 -10.80
CA PHE C 51 -44.31 25.72 -9.42
C PHE C 51 -45.77 25.49 -9.05
N ASP C 52 -46.48 24.73 -9.87
CA ASP C 52 -47.88 24.44 -9.59
C ASP C 52 -48.01 23.14 -8.79
N SER C 53 -46.96 22.35 -8.76
CA SER C 53 -47.00 21.06 -8.06
C SER C 53 -46.37 21.06 -6.67
N ILE C 54 -45.72 22.15 -6.29
CA ILE C 54 -45.08 22.20 -4.99
C ILE C 54 -46.06 22.14 -3.82
N ASP C 55 -45.56 21.70 -2.66
CA ASP C 55 -46.38 21.57 -1.45
C ASP C 55 -47.30 22.76 -1.22
N ALA C 56 -48.49 22.48 -0.70
CA ALA C 56 -49.49 23.52 -0.44
C ALA C 56 -49.00 24.60 0.53
N ALA C 57 -48.11 24.22 1.44
CA ALA C 57 -47.57 25.18 2.40
C ALA C 57 -46.85 26.33 1.69
N GLU C 58 -46.39 26.06 0.47
CA GLU C 58 -45.64 27.04 -0.31
C GLU C 58 -46.31 27.50 -1.61
N LEU C 59 -47.30 26.74 -2.08
CA LEU C 59 -47.99 27.05 -3.33
C LEU C 59 -48.49 28.48 -3.51
N GLN C 60 -49.34 28.94 -2.58
CA GLN C 60 -49.87 30.28 -2.70
C GLN C 60 -48.83 31.39 -2.54
N THR C 61 -47.95 31.26 -1.56
CA THR C 61 -46.91 32.27 -1.37
C THR C 61 -46.09 32.46 -2.65
N VAL C 62 -45.79 31.35 -3.34
CA VAL C 62 -45.03 31.46 -4.58
C VAL C 62 -45.94 32.00 -5.69
N LYS C 63 -47.17 31.50 -5.76
CA LYS C 63 -48.10 31.98 -6.78
C LYS C 63 -48.33 33.49 -6.63
N ASP C 64 -48.45 33.98 -5.40
CA ASP C 64 -48.63 35.42 -5.18
C ASP C 64 -47.46 36.20 -5.76
N ALA C 65 -46.25 35.75 -5.43
CA ALA C 65 -45.03 36.39 -5.90
C ALA C 65 -44.88 36.37 -7.42
N LEU C 66 -45.50 35.40 -8.07
CA LEU C 66 -45.39 35.27 -9.52
C LEU C 66 -46.41 36.07 -10.33
N VAL C 67 -47.27 36.84 -9.65
CA VAL C 67 -48.23 37.67 -10.36
C VAL C 67 -47.47 38.87 -10.92
N GLY C 68 -47.44 39.00 -12.24
CA GLY C 68 -46.72 40.11 -12.83
C GLY C 68 -45.44 39.62 -13.48
N ALA C 69 -45.06 38.38 -13.15
CA ALA C 69 -43.86 37.78 -13.71
C ALA C 69 -44.16 36.98 -14.98
N ILE C 70 -43.14 36.76 -15.78
CA ILE C 70 -43.27 35.96 -17.00
C ILE C 70 -42.96 34.56 -16.54
N VAL C 71 -43.99 33.72 -16.48
CA VAL C 71 -43.82 32.35 -16.03
C VAL C 71 -43.70 31.39 -17.20
N VAL C 72 -42.56 30.69 -17.25
CA VAL C 72 -42.30 29.74 -18.33
C VAL C 72 -42.24 28.33 -17.77
N LYS C 73 -43.14 27.47 -18.25
CA LYS C 73 -43.17 26.07 -17.81
C LYS C 73 -42.05 25.31 -18.50
N PRO C 74 -41.68 24.14 -17.94
CA PRO C 74 -40.62 23.32 -18.52
C PRO C 74 -41.08 22.73 -19.85
N ASP C 75 -40.15 22.51 -20.78
CA ASP C 75 -40.52 21.91 -22.05
C ASP C 75 -39.94 20.50 -22.07
N GLN C 76 -40.09 19.80 -23.19
CA GLN C 76 -39.58 18.43 -23.28
C GLN C 76 -38.10 18.33 -23.62
N ASP C 77 -37.57 19.30 -24.35
CA ASP C 77 -36.16 19.25 -24.78
C ASP C 77 -35.06 19.91 -23.94
N HIS C 78 -35.36 21.03 -23.29
CA HIS C 78 -34.33 21.71 -22.53
C HIS C 78 -34.36 21.52 -21.02
N THR C 79 -33.20 21.77 -20.40
CA THR C 79 -33.11 21.75 -18.95
C THR C 79 -33.72 23.11 -18.64
N ASP C 80 -34.19 23.33 -17.42
CA ASP C 80 -34.78 24.61 -17.10
C ASP C 80 -33.77 25.74 -17.17
N THR C 81 -32.51 25.43 -16.91
CA THR C 81 -31.47 26.43 -16.99
C THR C 81 -31.26 26.87 -18.44
N GLN C 82 -31.33 25.91 -19.36
CA GLN C 82 -31.18 26.22 -20.78
C GLN C 82 -32.34 27.08 -21.25
N LEU C 83 -33.55 26.65 -20.91
CA LEU C 83 -34.77 27.35 -21.30
C LEU C 83 -34.81 28.75 -20.72
N ALA C 84 -34.22 28.93 -19.55
CA ALA C 84 -34.18 30.26 -18.92
C ALA C 84 -33.23 31.14 -19.72
N ILE C 85 -32.09 30.57 -20.11
CA ILE C 85 -31.12 31.30 -20.89
C ILE C 85 -31.77 31.72 -22.20
N LYS C 86 -32.37 30.76 -22.88
CA LYS C 86 -33.04 30.99 -24.15
C LYS C 86 -34.18 32.00 -24.07
N SER C 87 -34.98 31.93 -23.00
CA SER C 87 -36.10 32.84 -22.82
C SER C 87 -35.63 34.25 -22.49
N ILE C 88 -34.51 34.35 -21.77
CA ILE C 88 -33.96 35.65 -21.42
C ILE C 88 -33.48 36.39 -22.67
N PHE C 89 -32.70 35.72 -23.52
CA PHE C 89 -32.19 36.35 -24.72
C PHE C 89 -33.27 36.63 -25.75
N GLU C 90 -34.28 35.78 -25.80
CA GLU C 90 -35.37 35.98 -26.74
C GLU C 90 -36.28 37.14 -26.31
N GLN C 91 -36.64 37.15 -25.02
CA GLN C 91 -37.54 38.17 -24.49
C GLN C 91 -36.97 39.43 -23.83
N LEU C 92 -35.86 39.31 -23.12
CA LEU C 92 -35.31 40.49 -22.45
C LEU C 92 -34.15 41.16 -23.19
N GLN C 93 -33.54 40.42 -24.11
CA GLN C 93 -32.45 40.93 -24.94
C GLN C 93 -31.36 41.77 -24.24
N PRO C 94 -30.82 41.28 -23.11
CA PRO C 94 -29.78 42.06 -22.42
C PRO C 94 -28.42 41.90 -23.09
N ASP C 95 -27.47 42.78 -22.77
CA ASP C 95 -26.13 42.67 -23.33
C ASP C 95 -25.44 41.47 -22.70
N GLU C 96 -25.72 41.27 -21.42
CA GLU C 96 -25.11 40.21 -20.66
C GLU C 96 -26.08 39.54 -19.71
N VAL C 97 -25.82 38.27 -19.46
CA VAL C 97 -26.59 37.48 -18.52
C VAL C 97 -25.54 37.03 -17.50
N HIS C 98 -25.82 37.30 -16.23
CA HIS C 98 -24.93 36.92 -15.16
C HIS C 98 -25.61 35.77 -14.41
N LEU C 99 -24.98 34.60 -14.47
CA LEU C 99 -25.55 33.41 -13.82
C LEU C 99 -25.05 33.26 -12.39
N TYR C 100 -25.97 33.21 -11.44
CA TYR C 100 -25.63 33.04 -10.02
C TYR C 100 -26.13 31.69 -9.53
N GLY C 101 -25.58 31.24 -8.39
CA GLY C 101 -25.98 29.96 -7.83
C GLY C 101 -25.70 28.78 -8.74
N ALA C 102 -24.70 28.89 -9.60
CA ALA C 102 -24.36 27.82 -10.54
C ALA C 102 -23.19 26.96 -10.05
N THR C 103 -22.61 27.32 -8.91
CA THR C 103 -21.48 26.55 -8.37
C THR C 103 -21.81 25.91 -7.03
N GLY C 104 -20.94 25.00 -6.59
CA GLY C 104 -21.12 24.32 -5.32
C GLY C 104 -22.15 23.21 -5.40
N GLY C 105 -22.36 22.52 -4.29
CA GLY C 105 -23.34 21.45 -4.23
C GLY C 105 -23.08 20.26 -5.11
N ARG C 106 -24.08 19.87 -5.89
CA ARG C 106 -23.98 18.73 -6.78
C ARG C 106 -23.08 19.03 -7.96
N LEU C 107 -22.03 18.22 -8.12
CA LEU C 107 -21.06 18.40 -9.20
C LEU C 107 -21.64 18.24 -10.59
N ASP C 108 -22.61 17.36 -10.78
CA ASP C 108 -23.19 17.19 -12.10
C ASP C 108 -23.86 18.49 -12.56
N HIS C 109 -24.48 19.22 -11.63
CA HIS C 109 -25.11 20.47 -11.99
C HIS C 109 -24.06 21.53 -12.32
N LEU C 110 -23.00 21.56 -11.52
CA LEU C 110 -21.92 22.51 -11.72
C LEU C 110 -21.33 22.35 -13.13
N LEU C 111 -21.03 21.12 -13.53
CA LEU C 111 -20.45 20.89 -14.86
C LEU C 111 -21.44 21.19 -15.99
N ALA C 112 -22.73 20.98 -15.76
CA ALA C 112 -23.72 21.28 -16.78
C ALA C 112 -23.74 22.79 -16.98
N ASN C 113 -23.47 23.53 -15.90
CA ASN C 113 -23.44 24.98 -15.97
C ASN C 113 -22.17 25.43 -16.66
N MSE C 114 -21.05 24.80 -16.30
CA MSE C 114 -19.77 25.14 -16.90
C MSE C 114 -19.78 24.86 -18.40
O MSE C 114 -19.17 25.59 -19.17
CB MSE C 114 -18.63 24.30 -16.28
CG MSE C 114 -18.06 24.87 -15.00
SE MSE C 114 -17.23 26.59 -15.27
CE MSE C 114 -16.14 26.21 -16.81
N TRP C 115 -20.47 23.79 -18.81
CA TRP C 115 -20.52 23.42 -20.23
C TRP C 115 -21.82 23.78 -20.95
N LEU C 116 -22.67 24.57 -20.29
CA LEU C 116 -23.94 24.97 -20.88
C LEU C 116 -23.76 25.40 -22.34
N VAL C 117 -22.89 26.39 -22.53
CA VAL C 117 -22.64 26.96 -23.85
C VAL C 117 -21.91 26.09 -24.88
N LEU C 118 -21.71 24.81 -24.55
CA LEU C 118 -21.06 23.90 -25.48
C LEU C 118 -22.08 23.47 -26.52
N ASP C 119 -23.34 23.35 -26.10
CA ASP C 119 -24.41 22.96 -27.00
C ASP C 119 -24.38 23.90 -28.22
N PRO C 120 -24.38 23.33 -29.43
CA PRO C 120 -24.33 24.09 -30.68
C PRO C 120 -25.27 25.29 -30.75
N VAL C 121 -26.47 25.16 -30.21
CA VAL C 121 -27.43 26.25 -30.22
C VAL C 121 -27.10 27.34 -29.20
N PHE C 122 -26.82 26.94 -27.96
CA PHE C 122 -26.52 27.92 -26.93
C PHE C 122 -25.15 28.58 -27.10
N ARG C 123 -24.29 27.94 -27.88
CA ARG C 123 -22.95 28.45 -28.12
C ARG C 123 -22.94 29.88 -28.66
N GLN C 124 -24.02 30.26 -29.34
CA GLN C 124 -24.16 31.59 -29.90
C GLN C 124 -24.16 32.66 -28.81
N TRP C 125 -24.53 32.27 -27.59
CA TRP C 125 -24.58 33.20 -26.48
C TRP C 125 -23.35 33.13 -25.57
N ALA C 126 -22.38 32.29 -25.92
CA ALA C 126 -21.17 32.14 -25.13
C ALA C 126 -20.55 33.49 -24.76
N PRO C 127 -20.45 34.42 -25.73
CA PRO C 127 -19.86 35.75 -25.52
C PRO C 127 -20.61 36.65 -24.55
N GLN C 128 -21.86 36.31 -24.24
CA GLN C 128 -22.68 37.13 -23.36
C GLN C 128 -23.08 36.50 -22.03
N ILE C 129 -22.51 35.35 -21.69
CA ILE C 129 -22.85 34.71 -20.44
C ILE C 129 -21.66 34.65 -19.49
N LYS C 130 -21.91 35.04 -18.24
CA LYS C 130 -20.87 35.03 -17.21
C LYS C 130 -21.37 34.38 -15.92
N LEU C 131 -20.57 33.46 -15.37
CA LEU C 131 -20.91 32.81 -14.12
C LEU C 131 -20.20 33.60 -13.02
N ILE C 132 -20.87 33.76 -11.88
CA ILE C 132 -20.28 34.50 -10.78
C ILE C 132 -20.57 33.84 -9.46
N ASP C 133 -19.55 33.71 -8.62
CA ASP C 133 -19.75 33.16 -7.29
C ASP C 133 -18.75 33.83 -6.36
N LYS C 134 -18.84 33.52 -5.07
CA LYS C 134 -17.96 34.15 -4.09
C LYS C 134 -16.48 34.25 -4.44
N GLN C 135 -15.92 33.19 -5.01
CA GLN C 135 -14.49 33.18 -5.35
C GLN C 135 -14.16 33.15 -6.83
N ASN C 136 -15.16 33.17 -7.70
CA ASN C 136 -14.86 33.09 -9.13
C ASN C 136 -15.74 33.91 -10.06
N SER C 137 -15.22 34.09 -11.27
CA SER C 137 -15.92 34.74 -12.34
C SER C 137 -15.51 33.87 -13.52
N VAL C 138 -16.48 33.45 -14.31
CA VAL C 138 -16.20 32.60 -15.46
C VAL C 138 -16.80 33.23 -16.71
N ARG C 139 -15.98 33.37 -17.75
CA ARG C 139 -16.46 33.93 -19.01
C ARG C 139 -16.16 32.92 -20.12
N PHE C 140 -16.87 33.05 -21.23
CA PHE C 140 -16.72 32.13 -22.34
C PHE C 140 -16.42 32.89 -23.61
N PHE C 141 -15.55 32.32 -24.44
CA PHE C 141 -15.16 32.94 -25.69
C PHE C 141 -15.24 31.99 -26.88
N LEU C 142 -15.49 32.57 -28.05
CA LEU C 142 -15.54 31.83 -29.30
C LEU C 142 -14.22 32.18 -30.00
N PRO C 143 -13.73 31.33 -30.91
CA PRO C 143 -12.47 31.58 -31.63
C PRO C 143 -12.22 33.02 -32.09
N GLY C 144 -11.01 33.52 -31.81
CA GLY C 144 -10.65 34.87 -32.19
C GLY C 144 -9.47 35.38 -31.41
N ASP C 145 -9.29 36.71 -31.42
CA ASP C 145 -8.21 37.35 -30.69
C ASP C 145 -8.85 38.22 -29.63
N TYR C 146 -8.45 38.04 -28.38
CA TYR C 146 -9.06 38.78 -27.29
C TYR C 146 -8.12 39.50 -26.34
N GLN C 147 -8.73 40.31 -25.48
CA GLN C 147 -8.01 41.09 -24.49
C GLN C 147 -8.95 41.26 -23.31
N ILE C 148 -8.47 40.93 -22.11
CA ILE C 148 -9.30 41.05 -20.93
C ILE C 148 -8.60 41.85 -19.84
N THR C 149 -9.40 42.31 -18.87
CA THR C 149 -8.92 43.13 -17.77
C THR C 149 -8.93 42.40 -16.43
N LYS C 150 -7.86 42.54 -15.66
CA LYS C 150 -7.78 41.91 -14.34
C LYS C 150 -8.83 42.46 -13.39
N GLU C 151 -9.51 41.58 -12.67
CA GLU C 151 -10.51 42.04 -11.71
C GLU C 151 -9.75 42.34 -10.41
N ALA C 152 -10.01 43.51 -9.84
CA ALA C 152 -9.32 43.95 -8.62
C ALA C 152 -9.31 42.96 -7.45
N ASP C 153 -10.41 42.24 -7.24
CA ASP C 153 -10.50 41.30 -6.14
C ASP C 153 -10.06 39.88 -6.48
N LYS C 154 -9.56 39.67 -7.69
CA LYS C 154 -9.11 38.35 -8.12
C LYS C 154 -7.59 38.33 -8.25
N ARG C 155 -6.97 37.25 -7.82
CA ARG C 155 -5.52 37.12 -7.87
C ARG C 155 -5.05 36.10 -8.91
N TYR C 156 -5.91 35.12 -9.21
CA TYR C 156 -5.55 34.08 -10.16
C TYR C 156 -6.32 34.20 -11.47
N LEU C 157 -5.67 33.76 -12.54
CA LEU C 157 -6.23 33.77 -13.88
C LEU C 157 -6.07 32.38 -14.46
N ALA C 158 -7.10 31.86 -15.10
CA ALA C 158 -7.02 30.53 -15.68
C ALA C 158 -7.74 30.43 -17.01
N PHE C 159 -7.09 29.78 -17.97
CA PHE C 159 -7.63 29.56 -19.29
C PHE C 159 -8.04 28.09 -19.32
N VAL C 160 -9.29 27.84 -19.70
CA VAL C 160 -9.85 26.50 -19.70
C VAL C 160 -10.44 26.05 -21.04
N PRO C 161 -9.61 25.46 -21.93
CA PRO C 161 -10.11 25.01 -23.22
C PRO C 161 -11.11 23.88 -22.98
N LEU C 162 -12.33 24.03 -23.50
CA LEU C 162 -13.37 23.03 -23.31
C LEU C 162 -13.48 22.05 -24.48
N MSE C 163 -12.80 22.38 -25.58
CA MSE C 163 -12.79 21.55 -26.77
C MSE C 163 -11.39 21.68 -27.37
O MSE C 163 -10.66 22.62 -27.04
CB MSE C 163 -13.85 22.02 -27.77
CG MSE C 163 -15.29 21.86 -27.27
SE MSE C 163 -16.64 22.54 -28.50
CE MSE C 163 -16.56 21.14 -29.83
N PRO C 164 -11.01 20.77 -28.26
CA PRO C 164 -9.67 20.87 -28.86
C PRO C 164 -9.44 22.24 -29.53
N MSE C 165 -8.22 22.76 -29.42
CA MSE C 165 -7.90 24.05 -30.03
C MSE C 165 -6.41 24.33 -29.82
O MSE C 165 -5.73 23.62 -29.08
CB MSE C 165 -8.66 25.19 -29.33
CG MSE C 165 -8.15 25.46 -27.91
SE MSE C 165 -8.91 26.98 -26.93
CE MSE C 165 -10.69 26.28 -26.77
N HIS C 166 -5.94 25.37 -30.50
CA HIS C 166 -4.56 25.83 -30.35
C HIS C 166 -4.77 27.12 -29.56
N LEU C 167 -4.18 27.19 -28.36
CA LEU C 167 -4.32 28.36 -27.51
C LEU C 167 -3.01 29.12 -27.38
N THR C 168 -3.10 30.43 -27.60
CA THR C 168 -1.91 31.28 -27.48
C THR C 168 -2.12 32.30 -26.37
N LEU C 169 -1.15 32.35 -25.46
CA LEU C 169 -1.15 33.26 -24.32
C LEU C 169 0.20 33.96 -24.43
N PRO C 170 0.24 35.15 -25.05
CA PRO C 170 1.47 35.93 -25.24
C PRO C 170 1.98 36.85 -24.13
N ASP C 171 1.12 37.33 -23.25
CA ASP C 171 1.58 38.27 -22.24
C ASP C 171 1.20 38.03 -20.78
N GLU C 172 0.83 36.81 -20.43
CA GLU C 172 0.49 36.48 -19.05
C GLU C 172 1.74 35.95 -18.36
N LYS C 173 1.64 35.69 -17.06
CA LYS C 173 2.78 35.17 -16.28
C LYS C 173 3.32 33.89 -16.91
N TYR C 174 2.41 32.94 -17.19
CA TYR C 174 2.77 31.69 -17.84
C TYR C 174 2.23 31.79 -19.26
N GLN C 175 3.12 31.71 -20.24
CA GLN C 175 2.71 31.83 -21.63
C GLN C 175 2.59 30.51 -22.37
N LEU C 176 1.82 30.54 -23.46
CA LEU C 176 1.60 29.38 -24.30
C LEU C 176 1.72 29.83 -25.74
N ASP C 177 2.27 28.98 -26.58
CA ASP C 177 2.49 29.28 -27.98
C ASP C 177 1.76 28.26 -28.87
N ALA C 178 0.48 28.52 -29.12
CA ALA C 178 -0.34 27.63 -29.93
C ALA C 178 -0.36 26.22 -29.35
N ALA C 179 -0.52 26.13 -28.04
CA ALA C 179 -0.58 24.83 -27.39
C ALA C 179 -1.85 24.10 -27.79
N TYR C 180 -1.74 22.80 -28.05
CA TYR C 180 -2.89 22.00 -28.45
C TYR C 180 -3.41 21.11 -27.34
N ASN C 181 -4.73 21.07 -27.19
CA ASN C 181 -5.36 20.21 -26.20
C ASN C 181 -6.28 19.27 -26.97
N ALA C 182 -6.26 18.00 -26.60
CA ALA C 182 -7.09 17.00 -27.27
C ALA C 182 -8.32 16.67 -26.43
N TYR C 183 -8.40 17.33 -25.29
CA TYR C 183 -9.50 17.13 -24.34
C TYR C 183 -9.53 18.34 -23.41
N PRO C 184 -10.60 18.47 -22.62
CA PRO C 184 -10.69 19.60 -21.70
C PRO C 184 -9.51 19.69 -20.75
N ILE C 185 -8.97 20.90 -20.62
CA ILE C 185 -7.85 21.15 -19.72
C ILE C 185 -8.06 22.46 -18.98
N SER C 186 -7.73 22.47 -17.70
CA SER C 186 -7.86 23.66 -16.88
C SER C 186 -6.46 24.12 -16.52
N TRP C 187 -5.96 25.14 -17.22
CA TRP C 187 -4.63 25.66 -16.93
C TRP C 187 -4.78 26.63 -15.76
N ALA C 188 -4.85 26.07 -14.57
CA ALA C 188 -5.04 26.85 -13.35
C ALA C 188 -3.82 27.65 -12.89
N SER C 189 -4.13 28.62 -12.03
CA SER C 189 -3.13 29.49 -11.39
C SER C 189 -2.20 30.31 -12.29
N ASN C 190 -2.73 30.89 -13.36
CA ASN C 190 -1.90 31.74 -14.18
C ASN C 190 -2.10 33.11 -13.52
N GLU C 191 -1.50 34.15 -14.08
CA GLU C 191 -1.65 35.47 -13.50
C GLU C 191 -1.46 36.55 -14.55
N PHE C 192 -2.21 37.63 -14.39
CA PHE C 192 -2.08 38.75 -15.30
C PHE C 192 -0.73 39.39 -15.01
N SER C 193 -0.14 39.97 -16.04
CA SER C 193 1.10 40.71 -15.88
C SER C 193 0.55 42.10 -16.12
N GLY C 194 0.45 42.91 -15.07
CA GLY C 194 -0.14 44.22 -15.25
C GLY C 194 -1.64 44.13 -15.03
N ASN C 195 -2.42 44.93 -15.76
CA ASN C 195 -3.86 44.89 -15.58
C ASN C 195 -4.57 44.31 -16.80
N THR C 196 -3.81 43.98 -17.83
CA THR C 196 -4.38 43.43 -19.06
C THR C 196 -3.69 42.17 -19.60
N GLY C 197 -4.47 41.33 -20.28
CA GLY C 197 -3.92 40.11 -20.84
C GLY C 197 -4.55 39.81 -22.19
N HIS C 198 -3.75 39.29 -23.12
CA HIS C 198 -4.22 38.95 -24.45
C HIS C 198 -4.20 37.45 -24.65
N PHE C 199 -5.02 36.98 -25.59
CA PHE C 199 -5.06 35.56 -25.92
C PHE C 199 -5.79 35.34 -27.24
N SER C 200 -5.49 34.22 -27.90
CA SER C 200 -6.12 33.89 -29.17
C SER C 200 -6.19 32.38 -29.34
N PHE C 201 -7.24 31.92 -30.01
CA PHE C 201 -7.41 30.50 -30.26
C PHE C 201 -8.21 30.30 -31.54
N ASP C 202 -8.02 29.14 -32.17
CA ASP C 202 -8.63 28.82 -33.46
C ASP C 202 -9.88 27.94 -33.52
N ALA C 203 -10.31 27.34 -32.42
CA ALA C 203 -11.50 26.49 -32.49
C ALA C 203 -12.16 26.24 -31.13
N GLY C 204 -13.36 25.66 -31.18
CA GLY C 204 -14.07 25.34 -29.95
C GLY C 204 -14.56 26.51 -29.13
N VAL C 205 -14.61 26.30 -27.81
CA VAL C 205 -15.07 27.29 -26.84
C VAL C 205 -14.04 27.33 -25.71
N LEU C 206 -13.66 28.54 -25.32
CA LEU C 206 -12.66 28.76 -24.27
C LEU C 206 -13.30 29.41 -23.04
N ALA C 207 -13.09 28.82 -21.88
CA ALA C 207 -13.59 29.40 -20.64
C ALA C 207 -12.41 30.11 -19.97
N VAL C 208 -12.67 31.25 -19.35
CA VAL C 208 -11.62 32.00 -18.67
C VAL C 208 -12.08 32.28 -17.24
N ILE C 209 -11.28 31.85 -16.27
CA ILE C 209 -11.64 32.02 -14.89
C ILE C 209 -10.70 32.92 -14.08
N GLN C 210 -11.29 33.87 -13.38
CA GLN C 210 -10.51 34.74 -12.49
C GLN C 210 -10.99 34.32 -11.12
N SER C 211 -10.07 33.91 -10.25
CA SER C 211 -10.48 33.48 -8.92
C SER C 211 -9.61 34.04 -7.80
N ARG C 212 -10.07 33.83 -6.58
CA ARG C 212 -9.36 34.31 -5.40
C ARG C 212 -9.51 33.27 -4.29
N ASP C 213 -8.77 33.45 -3.20
CA ASP C 213 -8.82 32.52 -2.07
C ASP C 213 -9.90 32.79 -1.03
N ASP C 214 -10.15 31.74 -0.24
CA ASP C 214 -11.12 31.69 0.87
C ASP C 214 -12.45 32.39 0.67
N ALA D 2 -5.92 -4.84 -1.57
CA ALA D 2 -7.07 -4.30 -0.78
C ALA D 2 -6.66 -3.10 0.08
N THR D 3 -6.06 -2.09 -0.53
CA THR D 3 -5.63 -0.91 0.24
C THR D 3 -5.90 0.40 -0.50
N ILE D 4 -6.28 1.41 0.28
CA ILE D 4 -6.60 2.73 -0.24
C ILE D 4 -5.74 3.85 0.33
N VAL D 5 -5.21 4.69 -0.56
CA VAL D 5 -4.43 5.84 -0.14
C VAL D 5 -5.30 7.09 -0.30
N ASN D 6 -5.43 7.87 0.77
CA ASN D 6 -6.22 9.08 0.76
C ASN D 6 -5.31 10.28 0.47
N LEU D 7 -5.71 11.11 -0.48
CA LEU D 7 -4.92 12.29 -0.85
C LEU D 7 -5.73 13.55 -0.58
N LEU D 8 -5.16 14.48 0.17
CA LEU D 8 -5.85 15.72 0.46
C LEU D 8 -5.19 16.87 -0.27
N VAL D 9 -5.97 17.61 -1.08
CA VAL D 9 -5.42 18.75 -1.78
C VAL D 9 -5.97 20.01 -1.09
N GLY D 10 -5.71 21.19 -1.65
CA GLY D 10 -6.11 22.43 -0.98
C GLY D 10 -7.49 23.04 -1.02
N GLY D 11 -8.54 22.27 -1.30
CA GLY D 11 -9.88 22.85 -1.35
C GLY D 11 -10.46 23.23 0.01
N PRO D 12 -11.56 24.01 0.05
CA PRO D 12 -12.19 24.42 1.33
C PRO D 12 -12.61 23.24 2.21
N THR D 13 -12.32 23.35 3.50
CA THR D 13 -12.63 22.31 4.47
C THR D 13 -14.13 22.06 4.64
N ALA D 14 -14.94 23.05 4.26
CA ALA D 14 -16.39 22.92 4.37
C ALA D 14 -16.96 21.80 3.50
N ASN D 15 -16.20 21.36 2.50
CA ASN D 15 -16.68 20.30 1.62
C ASN D 15 -16.25 18.90 2.08
N TYR D 16 -15.42 18.82 3.11
CA TYR D 16 -14.99 17.52 3.61
C TYR D 16 -16.22 16.69 3.95
N PRO D 17 -16.20 15.38 3.64
CA PRO D 17 -17.35 14.52 3.94
C PRO D 17 -17.44 14.14 5.42
N ALA D 18 -16.35 14.32 6.15
CA ALA D 18 -16.31 13.98 7.57
C ALA D 18 -15.00 14.43 8.21
N ASP D 19 -14.89 14.20 9.52
CA ASP D 19 -13.66 14.53 10.22
C ASP D 19 -12.61 13.63 9.55
N LEU D 20 -11.54 14.22 9.04
CA LEU D 20 -10.53 13.45 8.34
C LEU D 20 -9.90 12.33 9.15
N THR D 21 -9.72 12.52 10.45
CA THR D 21 -9.11 11.48 11.29
C THR D 21 -10.07 10.31 11.42
N THR D 22 -11.27 10.48 10.90
CA THR D 22 -12.32 9.47 10.93
C THR D 22 -12.28 8.58 9.69
N ILE D 23 -11.52 9.00 8.69
CA ILE D 23 -11.39 8.26 7.45
C ILE D 23 -10.17 7.34 7.48
N PRO D 24 -10.39 6.02 7.40
CA PRO D 24 -9.39 4.95 7.42
C PRO D 24 -8.44 4.95 6.22
N GLY D 25 -7.18 4.58 6.47
CA GLY D 25 -6.21 4.54 5.39
C GLY D 25 -5.10 5.58 5.51
N PRO D 26 -3.93 5.32 4.93
CA PRO D 26 -2.82 6.27 5.00
C PRO D 26 -3.12 7.56 4.23
N TRP D 27 -2.68 8.69 4.78
CA TRP D 27 -2.91 9.99 4.16
C TRP D 27 -1.69 10.62 3.53
N VAL D 28 -1.92 11.33 2.43
CA VAL D 28 -0.89 12.07 1.72
C VAL D 28 -1.45 13.48 1.57
N GLY D 29 -0.59 14.48 1.68
CA GLY D 29 -1.03 15.85 1.52
C GLY D 29 -0.21 16.58 0.51
N ALA D 30 -0.88 17.35 -0.34
CA ALA D 30 -0.21 18.15 -1.36
C ALA D 30 -0.50 19.61 -1.03
N ASP D 31 0.56 20.42 -0.97
CA ASP D 31 0.44 21.83 -0.66
C ASP D 31 -0.35 22.10 0.63
N ARG D 32 -1.38 22.94 0.53
CA ARG D 32 -2.20 23.26 1.69
C ARG D 32 -2.73 22.02 2.38
N GLY D 33 -3.00 20.98 1.60
CA GLY D 33 -3.50 19.73 2.15
C GLY D 33 -2.56 19.13 3.18
N ALA D 34 -1.26 19.20 2.92
CA ALA D 34 -0.29 18.65 3.86
C ALA D 34 -0.34 19.41 5.19
N LEU D 35 -0.41 20.73 5.11
CA LEU D 35 -0.48 21.55 6.32
C LEU D 35 -1.74 21.21 7.13
N ARG D 36 -2.85 21.02 6.44
CA ARG D 36 -4.11 20.71 7.11
C ARG D 36 -4.13 19.32 7.74
N LEU D 37 -3.39 18.37 7.17
CA LEU D 37 -3.34 17.03 7.74
C LEU D 37 -2.62 17.15 9.08
N VAL D 38 -1.47 17.82 9.05
CA VAL D 38 -0.66 18.02 10.24
C VAL D 38 -1.42 18.77 11.32
N LYS D 39 -2.15 19.82 10.94
CA LYS D 39 -2.91 20.61 11.91
C LYS D 39 -3.96 19.74 12.60
N ARG D 40 -4.43 18.73 11.89
CA ARG D 40 -5.43 17.81 12.44
C ARG D 40 -4.76 16.69 13.22
N GLY D 41 -3.43 16.75 13.31
CA GLY D 41 -2.68 15.74 14.04
C GLY D 41 -2.45 14.45 13.27
N ILE D 42 -2.74 14.48 11.97
CA ILE D 42 -2.56 13.31 11.12
C ILE D 42 -1.15 13.21 10.55
N GLN D 43 -0.53 12.05 10.73
CA GLN D 43 0.82 11.82 10.21
C GLN D 43 0.71 11.35 8.76
N PRO D 44 1.16 12.17 7.81
CA PRO D 44 1.09 11.79 6.39
C PRO D 44 2.20 10.80 6.05
N VAL D 45 1.94 9.89 5.12
CA VAL D 45 2.96 8.94 4.73
C VAL D 45 3.74 9.60 3.59
N MSE D 46 3.16 10.66 3.04
CA MSE D 46 3.78 11.41 1.96
C MSE D 46 3.29 12.85 1.93
O MSE D 46 2.11 13.13 2.10
CB MSE D 46 3.48 10.75 0.61
CG MSE D 46 4.15 11.45 -0.57
SE MSE D 46 3.57 10.76 -2.31
CE MSE D 46 4.70 9.16 -2.41
N VAL D 47 4.23 13.76 1.72
CA VAL D 47 3.93 15.18 1.65
C VAL D 47 4.49 15.68 0.31
N VAL D 48 3.67 16.39 -0.45
CA VAL D 48 4.07 16.89 -1.75
C VAL D 48 3.96 18.41 -1.86
N GLY D 49 5.09 19.05 -2.12
CA GLY D 49 5.12 20.49 -2.25
C GLY D 49 6.42 21.08 -1.73
N ASP D 50 6.43 22.40 -1.53
CA ASP D 50 7.61 23.11 -1.03
C ASP D 50 7.29 23.54 0.40
N PHE D 51 7.77 22.78 1.37
CA PHE D 51 7.51 23.08 2.78
C PHE D 51 8.76 23.45 3.56
N VAL D 62 5.35 20.59 12.17
CA VAL D 62 5.36 20.31 10.74
C VAL D 62 6.61 19.56 10.28
N LYS D 63 7.83 20.08 10.52
CA LYS D 63 9.03 19.36 10.11
C LYS D 63 9.21 18.20 11.04
N ASP D 64 8.48 18.24 12.15
CA ASP D 64 8.50 17.11 13.08
C ASP D 64 7.71 16.05 12.25
N ALA D 65 6.74 16.55 11.48
CA ALA D 65 5.89 15.72 10.65
C ALA D 65 6.53 15.17 9.38
N LEU D 66 7.42 15.94 8.75
CA LEU D 66 8.06 15.47 7.52
C LEU D 66 9.12 14.42 7.78
N VAL D 67 9.43 14.18 9.05
CA VAL D 67 10.40 13.16 9.40
C VAL D 67 9.77 11.80 9.06
N GLY D 68 8.54 11.61 9.51
CA GLY D 68 7.85 10.36 9.25
C GLY D 68 7.03 10.36 7.98
N ALA D 69 7.54 11.01 6.94
CA ALA D 69 6.82 11.06 5.67
C ALA D 69 7.73 11.19 4.46
N ILE D 70 7.30 10.62 3.34
CA ILE D 70 8.06 10.71 2.10
C ILE D 70 7.90 12.16 1.63
N VAL D 71 9.01 12.81 1.29
CA VAL D 71 8.94 14.18 0.83
C VAL D 71 9.17 14.31 -0.66
N VAL D 72 8.18 14.85 -1.36
CA VAL D 72 8.30 15.05 -2.80
C VAL D 72 8.22 16.55 -3.10
N LYS D 73 9.33 17.10 -3.61
CA LYS D 73 9.40 18.52 -3.94
C LYS D 73 8.73 18.79 -5.29
N PRO D 74 8.22 20.01 -5.50
CA PRO D 74 7.56 20.41 -6.74
C PRO D 74 8.27 19.93 -8.00
N ASP D 75 7.47 19.56 -9.00
CA ASP D 75 7.97 19.05 -10.27
C ASP D 75 8.15 20.16 -11.31
N GLN D 76 8.70 19.80 -12.46
CA GLN D 76 8.91 20.75 -13.55
C GLN D 76 7.68 20.79 -14.44
N ASP D 77 7.25 19.61 -14.87
CA ASP D 77 6.09 19.49 -15.74
C ASP D 77 4.82 18.99 -15.06
N HIS D 78 4.76 19.05 -13.74
CA HIS D 78 3.57 18.58 -13.04
C HIS D 78 3.02 19.54 -12.00
N THR D 79 1.70 19.62 -11.90
CA THR D 79 1.11 20.44 -10.86
C THR D 79 1.41 19.60 -9.62
N ASP D 80 1.29 20.14 -8.42
CA ASP D 80 1.58 19.33 -7.25
C ASP D 80 0.56 18.23 -7.02
N THR D 81 -0.65 18.42 -7.53
CA THR D 81 -1.69 17.40 -7.40
C THR D 81 -1.36 16.23 -8.32
N GLN D 82 -0.91 16.55 -9.53
CA GLN D 82 -0.54 15.52 -10.49
C GLN D 82 0.67 14.75 -9.95
N LEU D 83 1.67 15.49 -9.46
CA LEU D 83 2.88 14.89 -8.91
C LEU D 83 2.49 13.90 -7.82
N ALA D 84 1.58 14.32 -6.95
CA ALA D 84 1.12 13.49 -5.85
C ALA D 84 0.50 12.18 -6.38
N ILE D 85 -0.46 12.31 -7.30
CA ILE D 85 -1.11 11.15 -7.86
C ILE D 85 -0.07 10.16 -8.42
N LYS D 86 0.84 10.70 -9.24
CA LYS D 86 1.89 9.89 -9.85
C LYS D 86 2.81 9.25 -8.82
N SER D 87 3.21 10.02 -7.82
CA SER D 87 4.09 9.52 -6.76
C SER D 87 3.42 8.43 -5.93
N ILE D 88 2.13 8.63 -5.62
CA ILE D 88 1.41 7.64 -4.84
C ILE D 88 1.33 6.30 -5.59
N PHE D 89 0.87 6.33 -6.84
CA PHE D 89 0.76 5.10 -7.61
C PHE D 89 2.09 4.44 -7.90
N GLU D 90 3.12 5.22 -8.20
CA GLU D 90 4.42 4.63 -8.49
C GLU D 90 5.21 4.21 -7.25
N GLN D 91 5.12 5.00 -6.17
CA GLN D 91 5.89 4.69 -4.96
C GLN D 91 5.15 3.87 -3.91
N LEU D 92 3.87 4.18 -3.71
CA LEU D 92 3.07 3.47 -2.71
C LEU D 92 2.27 2.32 -3.32
N GLN D 93 1.98 2.43 -4.62
CA GLN D 93 1.26 1.39 -5.36
C GLN D 93 -0.02 0.86 -4.69
N PRO D 94 -0.97 1.73 -4.35
CA PRO D 94 -2.22 1.31 -3.70
C PRO D 94 -3.24 0.85 -4.75
N ASP D 95 -4.25 0.09 -4.33
CA ASP D 95 -5.27 -0.35 -5.25
C ASP D 95 -6.12 0.83 -5.69
N GLU D 96 -6.35 1.75 -4.77
CA GLU D 96 -7.16 2.93 -5.03
C GLU D 96 -6.64 4.19 -4.35
N VAL D 97 -6.98 5.32 -4.95
CA VAL D 97 -6.63 6.62 -4.42
C VAL D 97 -7.94 7.39 -4.27
N HIS D 98 -8.20 7.86 -3.07
CA HIS D 98 -9.40 8.63 -2.80
C HIS D 98 -8.96 10.07 -2.59
N LEU D 99 -9.37 10.93 -3.50
CA LEU D 99 -9.02 12.35 -3.48
C LEU D 99 -10.02 13.20 -2.71
N TYR D 100 -9.52 13.90 -1.68
CA TYR D 100 -10.34 14.76 -0.86
C TYR D 100 -9.92 16.22 -1.04
N GLY D 101 -10.79 17.14 -0.66
CA GLY D 101 -10.48 18.55 -0.80
C GLY D 101 -10.29 18.95 -2.25
N ALA D 102 -10.89 18.19 -3.18
CA ALA D 102 -10.76 18.49 -4.60
C ALA D 102 -11.89 19.38 -5.14
N THR D 103 -12.86 19.72 -4.29
CA THR D 103 -13.97 20.54 -4.75
C THR D 103 -14.11 21.86 -4.00
N GLY D 104 -15.08 22.67 -4.44
CA GLY D 104 -15.33 23.97 -3.85
C GLY D 104 -14.16 24.90 -4.10
N GLY D 105 -14.27 26.12 -3.57
CA GLY D 105 -13.20 27.09 -3.72
C GLY D 105 -12.97 27.60 -5.14
N ARG D 106 -11.71 27.56 -5.56
CA ARG D 106 -11.34 28.02 -6.89
C ARG D 106 -11.77 27.02 -7.96
N LEU D 107 -12.51 27.51 -8.97
CA LEU D 107 -12.97 26.65 -10.05
C LEU D 107 -11.88 26.11 -10.96
N ASP D 108 -10.77 26.81 -11.10
CA ASP D 108 -9.72 26.28 -11.98
C ASP D 108 -9.09 25.04 -11.37
N HIS D 109 -9.04 24.98 -10.04
CA HIS D 109 -8.49 23.83 -9.35
C HIS D 109 -9.48 22.68 -9.45
N LEU D 110 -10.75 22.98 -9.19
CA LEU D 110 -11.80 21.98 -9.25
C LEU D 110 -11.84 21.26 -10.59
N LEU D 111 -11.80 22.03 -11.68
CA LEU D 111 -11.83 21.45 -13.02
C LEU D 111 -10.52 20.70 -13.32
N ALA D 112 -9.40 21.19 -12.78
CA ALA D 112 -8.13 20.51 -13.01
C ALA D 112 -8.16 19.14 -12.33
N ASN D 113 -8.83 19.06 -11.18
CA ASN D 113 -8.93 17.80 -10.46
C ASN D 113 -9.91 16.85 -11.15
N MSE D 114 -10.96 17.41 -11.73
CA MSE D 114 -11.97 16.63 -12.42
C MSE D 114 -11.43 16.05 -13.74
O MSE D 114 -11.80 14.94 -14.13
CB MSE D 114 -13.18 17.51 -12.73
CG MSE D 114 -14.42 16.73 -13.09
SE MSE D 114 -15.23 16.00 -11.49
CE MSE D 114 -15.92 17.67 -10.79
N TRP D 115 -10.58 16.81 -14.42
CA TRP D 115 -10.03 16.38 -15.71
C TRP D 115 -8.59 15.91 -15.65
N LEU D 116 -8.07 15.71 -14.44
CA LEU D 116 -6.69 15.28 -14.30
C LEU D 116 -6.37 13.97 -15.02
N VAL D 117 -7.31 13.02 -15.01
CA VAL D 117 -7.09 11.72 -15.63
C VAL D 117 -7.20 11.68 -17.16
N LEU D 118 -7.51 12.80 -17.78
CA LEU D 118 -7.63 12.81 -19.24
C LEU D 118 -6.26 12.73 -19.90
N ASP D 119 -5.25 13.26 -19.22
CA ASP D 119 -3.88 13.23 -19.73
C ASP D 119 -3.44 11.76 -19.88
N PRO D 120 -3.00 11.35 -21.08
CA PRO D 120 -2.56 9.98 -21.37
C PRO D 120 -1.71 9.28 -20.31
N VAL D 121 -0.83 10.03 -19.66
CA VAL D 121 0.03 9.45 -18.63
C VAL D 121 -0.72 9.14 -17.34
N PHE D 122 -1.81 9.85 -17.10
CA PHE D 122 -2.59 9.61 -15.88
C PHE D 122 -3.83 8.80 -16.15
N ARG D 123 -4.25 8.75 -17.41
CA ARG D 123 -5.46 8.02 -17.77
C ARG D 123 -5.52 6.56 -17.34
N GLN D 124 -4.38 5.89 -17.32
CA GLN D 124 -4.38 4.48 -16.92
C GLN D 124 -4.77 4.26 -15.48
N TRP D 125 -4.74 5.32 -14.69
CA TRP D 125 -5.09 5.25 -13.28
C TRP D 125 -6.52 5.73 -13.05
N ALA D 126 -7.18 6.18 -14.12
CA ALA D 126 -8.55 6.67 -14.01
C ALA D 126 -9.46 5.70 -13.26
N PRO D 127 -9.35 4.40 -13.53
CA PRO D 127 -10.19 3.38 -12.87
C PRO D 127 -9.96 3.29 -11.35
N GLN D 128 -8.79 3.73 -10.91
CA GLN D 128 -8.42 3.65 -9.50
C GLN D 128 -8.52 4.97 -8.73
N ILE D 129 -9.02 6.03 -9.37
CA ILE D 129 -9.13 7.33 -8.72
C ILE D 129 -10.57 7.75 -8.45
N LYS D 130 -10.86 8.10 -7.21
CA LYS D 130 -12.21 8.53 -6.85
C LYS D 130 -12.18 9.86 -6.09
N LEU D 131 -13.00 10.82 -6.52
CA LEU D 131 -13.09 12.11 -5.85
C LEU D 131 -14.24 12.01 -4.86
N ILE D 132 -14.04 12.53 -3.66
CA ILE D 132 -15.08 12.46 -2.63
C ILE D 132 -15.23 13.76 -1.85
N ASP D 133 -16.45 14.25 -1.76
CA ASP D 133 -16.72 15.45 -1.00
C ASP D 133 -18.03 15.24 -0.27
N LYS D 134 -18.49 16.22 0.49
CA LYS D 134 -19.71 16.08 1.27
C LYS D 134 -20.97 15.62 0.52
N GLN D 135 -21.15 16.12 -0.71
CA GLN D 135 -22.34 15.76 -1.49
C GLN D 135 -22.08 14.90 -2.73
N ASN D 136 -20.81 14.61 -3.02
CA ASN D 136 -20.49 13.86 -4.22
C ASN D 136 -19.46 12.74 -4.10
N SER D 137 -19.55 11.82 -5.04
CA SER D 137 -18.64 10.70 -5.19
C SER D 137 -18.40 10.69 -6.70
N VAL D 138 -17.15 10.72 -7.12
CA VAL D 138 -16.85 10.72 -8.55
C VAL D 138 -15.91 9.57 -8.91
N ARG D 139 -16.25 8.85 -9.97
CA ARG D 139 -15.45 7.73 -10.43
C ARG D 139 -15.24 7.89 -11.92
N PHE D 140 -14.13 7.34 -12.41
CA PHE D 140 -13.77 7.43 -13.81
C PHE D 140 -13.67 6.04 -14.43
N PHE D 141 -14.04 5.94 -15.69
CA PHE D 141 -13.98 4.65 -16.38
C PHE D 141 -13.36 4.77 -17.76
N LEU D 142 -12.68 3.70 -18.16
CA LEU D 142 -12.07 3.62 -19.48
C LEU D 142 -13.08 2.81 -20.29
N PRO D 143 -13.02 2.88 -21.62
CA PRO D 143 -13.96 2.14 -22.47
C PRO D 143 -14.20 0.68 -22.08
N GLY D 144 -15.47 0.29 -22.06
CA GLY D 144 -15.82 -1.06 -21.70
C GLY D 144 -17.28 -1.19 -21.31
N ASP D 145 -17.62 -2.26 -20.59
CA ASP D 145 -19.00 -2.49 -20.16
C ASP D 145 -18.92 -2.70 -18.66
N TYR D 146 -19.70 -1.93 -17.92
CA TYR D 146 -19.64 -2.00 -16.46
C TYR D 146 -20.97 -2.09 -15.74
N GLN D 147 -20.89 -2.43 -14.45
CA GLN D 147 -22.04 -2.52 -13.57
C GLN D 147 -21.62 -1.84 -12.28
N ILE D 148 -22.41 -0.85 -11.86
CA ILE D 148 -22.12 -0.13 -10.62
C ILE D 148 -23.30 -0.20 -9.66
N THR D 149 -23.01 -0.01 -8.38
CA THR D 149 -24.05 -0.07 -7.36
C THR D 149 -24.36 1.32 -6.78
N LYS D 150 -25.63 1.57 -6.56
CA LYS D 150 -26.05 2.84 -5.98
C LYS D 150 -25.48 2.99 -4.58
N GLU D 151 -25.18 4.23 -4.22
CA GLU D 151 -24.65 4.53 -2.89
C GLU D 151 -25.83 4.82 -1.98
N ALA D 152 -25.93 4.05 -0.91
CA ALA D 152 -27.02 4.18 0.06
C ALA D 152 -27.41 5.63 0.39
N ASP D 153 -26.42 6.47 0.61
CA ASP D 153 -26.64 7.87 0.98
C ASP D 153 -26.84 8.83 -0.19
N LYS D 154 -26.69 8.36 -1.42
CA LYS D 154 -26.86 9.23 -2.57
C LYS D 154 -28.22 9.06 -3.24
N ARG D 155 -28.72 10.15 -3.83
CA ARG D 155 -30.02 10.15 -4.49
C ARG D 155 -29.93 10.27 -6.00
N TYR D 156 -28.94 10.99 -6.48
CA TYR D 156 -28.79 11.23 -7.91
C TYR D 156 -27.65 10.48 -8.60
N LEU D 157 -27.84 10.20 -9.88
CA LEU D 157 -26.86 9.50 -10.69
C LEU D 157 -26.67 10.30 -11.97
N ALA D 158 -25.43 10.59 -12.32
CA ALA D 158 -25.18 11.35 -13.54
C ALA D 158 -24.01 10.77 -14.29
N PHE D 159 -24.15 10.68 -15.60
CA PHE D 159 -23.07 10.16 -16.44
C PHE D 159 -22.47 11.36 -17.15
N VAL D 160 -21.16 11.50 -17.02
CA VAL D 160 -20.46 12.63 -17.58
C VAL D 160 -19.35 12.31 -18.57
N PRO D 161 -19.70 12.15 -19.85
CA PRO D 161 -18.64 11.85 -20.81
C PRO D 161 -17.70 13.07 -20.89
N LEU D 162 -16.43 12.85 -20.58
CA LEU D 162 -15.43 13.91 -20.59
C LEU D 162 -14.85 14.13 -21.98
N MSE D 163 -15.04 13.15 -22.85
CA MSE D 163 -14.56 13.19 -24.22
C MSE D 163 -15.63 12.52 -25.08
O MSE D 163 -16.47 11.78 -24.58
CB MSE D 163 -13.23 12.44 -24.36
CG MSE D 163 -12.06 13.09 -23.64
SE MSE D 163 -10.44 12.00 -23.65
CE MSE D 163 -9.95 12.23 -25.50
N PRO D 164 -15.60 12.78 -26.41
CA PRO D 164 -16.57 12.19 -27.33
C PRO D 164 -16.64 10.67 -27.21
N MSE D 165 -17.85 10.13 -27.25
CA MSE D 165 -18.06 8.68 -27.13
C MSE D 165 -19.51 8.31 -27.44
O MSE D 165 -20.39 9.17 -27.50
CB MSE D 165 -17.79 8.22 -25.69
CG MSE D 165 -18.78 8.80 -24.70
SE MSE D 165 -18.68 8.16 -22.87
CE MSE D 165 -16.86 8.74 -22.52
N HIS D 166 -19.76 7.02 -27.63
CA HIS D 166 -21.12 6.53 -27.83
C HIS D 166 -21.43 5.86 -26.51
N LEU D 167 -22.35 6.45 -25.75
CA LEU D 167 -22.71 5.93 -24.45
C LEU D 167 -24.07 5.25 -24.46
N THR D 168 -24.12 4.08 -23.83
CA THR D 168 -25.35 3.31 -23.74
C THR D 168 -25.72 3.10 -22.28
N LEU D 169 -26.87 3.63 -21.90
CA LEU D 169 -27.40 3.50 -20.55
C LEU D 169 -28.69 2.68 -20.74
N PRO D 170 -28.60 1.35 -20.58
CA PRO D 170 -29.67 0.38 -20.73
C PRO D 170 -30.73 0.21 -19.63
N ASP D 171 -30.37 0.45 -18.37
CA ASP D 171 -31.34 0.26 -17.27
C ASP D 171 -31.42 1.31 -16.18
N GLU D 172 -31.45 2.59 -16.55
CA GLU D 172 -31.55 3.65 -15.56
C GLU D 172 -32.81 4.48 -15.84
N LYS D 173 -33.16 5.38 -14.92
CA LYS D 173 -34.35 6.22 -15.08
C LYS D 173 -34.49 6.73 -16.51
N TYR D 174 -33.40 7.31 -17.03
CA TYR D 174 -33.37 7.82 -18.39
C TYR D 174 -32.34 6.95 -19.10
N GLN D 175 -32.68 6.47 -20.28
CA GLN D 175 -31.77 5.61 -21.02
C GLN D 175 -31.15 6.27 -22.25
N LEU D 176 -30.12 5.61 -22.78
CA LEU D 176 -29.41 6.06 -23.96
C LEU D 176 -28.92 4.83 -24.71
N ASP D 177 -28.94 4.92 -26.03
CA ASP D 177 -28.47 3.81 -26.86
C ASP D 177 -27.44 4.31 -27.85
N ALA D 178 -26.18 4.06 -27.54
CA ALA D 178 -25.09 4.50 -28.41
C ALA D 178 -25.21 5.99 -28.73
N ALA D 179 -25.65 6.78 -27.76
CA ALA D 179 -25.79 8.22 -27.94
C ALA D 179 -24.39 8.82 -28.00
N TYR D 180 -24.18 9.73 -28.95
CA TYR D 180 -22.88 10.36 -29.14
C TYR D 180 -22.81 11.80 -28.66
N ASN D 181 -21.66 12.15 -28.06
CA ASN D 181 -21.43 13.51 -27.60
C ASN D 181 -20.16 13.97 -28.31
N ALA D 182 -20.21 15.17 -28.90
CA ALA D 182 -19.07 15.70 -29.64
C ALA D 182 -18.22 16.61 -28.77
N TYR D 183 -18.61 16.71 -27.50
CA TYR D 183 -17.91 17.55 -26.53
C TYR D 183 -18.37 17.14 -25.14
N PRO D 184 -17.71 17.63 -24.08
CA PRO D 184 -18.06 17.30 -22.69
C PRO D 184 -19.52 17.62 -22.38
N ILE D 185 -20.20 16.69 -21.72
CA ILE D 185 -21.58 16.89 -21.35
C ILE D 185 -21.90 16.21 -20.03
N SER D 186 -22.72 16.88 -19.23
CA SER D 186 -23.10 16.35 -17.92
C SER D 186 -24.59 16.02 -17.89
N TRP D 187 -24.91 14.74 -18.04
CA TRP D 187 -26.31 14.31 -17.98
C TRP D 187 -26.66 14.19 -16.51
N ALA D 188 -26.91 15.33 -15.87
CA ALA D 188 -27.25 15.33 -14.46
C ALA D 188 -28.68 14.89 -14.17
N SER D 189 -28.92 14.60 -12.90
CA SER D 189 -30.24 14.19 -12.41
C SER D 189 -30.85 12.91 -12.94
N ASN D 190 -30.04 11.87 -13.08
CA ASN D 190 -30.56 10.57 -13.50
C ASN D 190 -30.67 9.84 -12.17
N GLU D 191 -31.09 8.59 -12.19
CA GLU D 191 -31.21 7.85 -10.95
C GLU D 191 -31.21 6.37 -11.25
N PHE D 192 -30.77 5.58 -10.28
CA PHE D 192 -30.75 4.14 -10.48
C PHE D 192 -32.16 3.59 -10.55
N SER D 193 -32.31 2.49 -11.27
CA SER D 193 -33.59 1.81 -11.37
C SER D 193 -33.39 0.64 -10.44
N GLY D 194 -33.62 0.88 -9.16
CA GLY D 194 -33.44 -0.18 -8.18
C GLY D 194 -32.12 -0.07 -7.44
N ASN D 195 -31.41 -1.19 -7.41
CA ASN D 195 -30.14 -1.34 -6.72
C ASN D 195 -28.86 -1.12 -7.53
N THR D 196 -28.81 -1.69 -8.73
CA THR D 196 -27.63 -1.58 -9.57
C THR D 196 -27.89 -0.92 -10.93
N GLY D 197 -26.82 -0.74 -11.70
CA GLY D 197 -26.94 -0.12 -13.02
C GLY D 197 -25.84 -0.55 -13.96
N HIS D 198 -26.15 -0.56 -15.26
CA HIS D 198 -25.19 -0.96 -16.28
C HIS D 198 -24.95 0.17 -17.27
N PHE D 199 -23.86 0.08 -18.02
CA PHE D 199 -23.53 1.08 -19.01
C PHE D 199 -22.28 0.66 -19.75
N SER D 200 -22.18 1.07 -21.00
CA SER D 200 -21.02 0.72 -21.79
C SER D 200 -20.72 1.89 -22.71
N PHE D 201 -19.45 2.07 -23.05
CA PHE D 201 -19.06 3.13 -23.96
C PHE D 201 -17.83 2.69 -24.72
N ASP D 202 -17.65 3.26 -25.91
CA ASP D 202 -16.55 2.89 -26.80
C ASP D 202 -15.33 3.81 -26.88
N ALA D 203 -15.30 4.91 -26.13
CA ALA D 203 -14.15 5.80 -26.22
C ALA D 203 -14.06 6.86 -25.14
N GLY D 204 -12.90 7.50 -25.06
CA GLY D 204 -12.66 8.57 -24.09
C GLY D 204 -12.65 8.13 -22.65
N VAL D 205 -13.13 9.01 -21.78
CA VAL D 205 -13.20 8.76 -20.34
C VAL D 205 -14.55 9.21 -19.83
N LEU D 206 -15.22 8.31 -19.12
CA LEU D 206 -16.53 8.58 -18.57
C LEU D 206 -16.47 8.81 -17.06
N ALA D 207 -17.06 9.91 -16.61
CA ALA D 207 -17.11 10.18 -15.18
C ALA D 207 -18.52 9.83 -14.73
N VAL D 208 -18.61 9.15 -13.59
CA VAL D 208 -19.91 8.78 -13.05
C VAL D 208 -20.02 9.45 -11.69
N ILE D 209 -21.08 10.25 -11.53
CA ILE D 209 -21.28 10.99 -10.30
C ILE D 209 -22.56 10.65 -9.56
N GLN D 210 -22.40 10.26 -8.29
CA GLN D 210 -23.54 9.98 -7.43
C GLN D 210 -23.52 11.13 -6.44
N SER D 211 -24.61 11.88 -6.37
CA SER D 211 -24.67 13.02 -5.48
C SER D 211 -25.93 13.10 -4.66
N ARG D 212 -25.95 14.05 -3.75
CA ARG D 212 -27.10 14.28 -2.88
C ARG D 212 -27.15 15.75 -2.51
N ASP D 213 -28.25 16.15 -1.87
CA ASP D 213 -28.43 17.52 -1.42
C ASP D 213 -27.84 17.66 -0.04
N ASP D 214 -27.68 18.90 0.43
CA ASP D 214 -27.12 19.11 1.77
C ASP D 214 -28.07 19.95 2.62
S SO4 E . -1.81 -21.04 -1.92
O1 SO4 E . -2.32 -20.42 -0.69
O2 SO4 E . -2.91 -21.75 -2.60
O3 SO4 E . -1.26 -20.01 -2.81
O4 SO4 E . -0.75 -22.01 -1.59
S SO4 F . 31.14 -31.04 -2.09
O1 SO4 F . 31.86 -29.86 -1.61
O2 SO4 F . 29.69 -30.84 -1.94
O3 SO4 F . 31.45 -31.27 -3.51
O4 SO4 F . 31.55 -32.22 -1.31
S SO4 G . -12.76 43.29 -19.93
O1 SO4 G . -13.51 43.84 -18.77
O2 SO4 G . -13.72 42.88 -20.97
O3 SO4 G . -11.86 44.31 -20.46
O4 SO4 G . -11.98 42.13 -19.48
S SO4 H . -32.93 29.84 1.44
O1 SO4 H . -33.77 29.88 2.64
O2 SO4 H . -33.56 30.63 0.38
O3 SO4 H . -31.61 30.41 1.78
O4 SO4 H . -32.77 28.44 1.01
#